data_6D0P
#
_entry.id   6D0P
#
_cell.length_a   95.481
_cell.length_b   131.977
_cell.length_c   123.987
_cell.angle_alpha   90.00
_cell.angle_beta   103.58
_cell.angle_gamma   90.00
#
_symmetry.space_group_name_H-M   'C 1 2 1'
#
loop_
_entity.id
_entity.type
_entity.pdbx_description
1 polymer 'Pirin family protein'
2 non-polymer 'MAGNESIUM ION'
3 non-polymer 'MANGANESE (II) ION'
4 non-polymer DI(HYDROXYETHYL)ETHER
5 non-polymer 'TETRAETHYLENE GLYCOL'
6 non-polymer 'CHLORIDE ION'
7 non-polymer 1,2-ETHANEDIOL
8 non-polymer GLYCEROL
9 non-polymer 'TRIETHYLENE GLYCOL'
10 water water
#
_entity_poly.entity_id   1
_entity_poly.type   'polypeptide(L)'
_entity_poly.pdbx_seq_one_letter_code
;SNA(MSE)KKFLGAYQNNH(MSE)HWVGDGFPVYNLFSYDRLGQTLSPFLLLDYAAPYNFSPTTEQQGVGSHPHRGFETV
TIAYQGEVTHKDSSGGGGTIKTGDVQW(MSE)TAGAGVLHEEFHSPEFAEHGGLFE(MSE)VQLWVNLPSHSK(MSE)TP
GKYQAIEAKDIPDIALDEHGSHLRVIAGEYADAKGAATTFSPLNVWDGKLVKGQKHTLYVPEGHTTLVVVLEGAVVVNDT
NRLEGKTVAILSREGVEFSLNAEEDTKFLVLTGQPLNEPIEGYGPFV(MSE)NTKAEI(MSE)EAINDFNRGKFGSI
(MSE)QEG
;
_entity_poly.pdbx_strand_id   A,B,C,D
#
# COMPACT_ATOMS: atom_id res chain seq x y z
N ALA A 3 5.16 -33.62 18.70
CA ALA A 3 6.59 -34.04 18.75
C ALA A 3 7.43 -32.94 19.43
N LYS A 5 10.41 -30.30 19.78
CA LYS A 5 11.21 -29.43 18.94
C LYS A 5 12.68 -29.81 19.16
N LYS A 6 13.46 -29.78 18.10
N LYS A 6 13.47 -29.77 18.11
CA LYS A 6 14.87 -30.13 18.20
CA LYS A 6 14.88 -30.14 18.18
C LYS A 6 15.71 -28.86 18.40
C LYS A 6 15.76 -28.89 18.33
N PHE A 7 16.77 -28.99 19.20
CA PHE A 7 17.74 -27.91 19.37
C PHE A 7 18.65 -27.86 18.12
N LEU A 8 18.69 -26.76 17.40
CA LEU A 8 19.50 -26.67 16.16
C LEU A 8 20.86 -26.00 16.39
N GLY A 9 20.91 -25.04 17.28
CA GLY A 9 22.16 -24.34 17.56
C GLY A 9 21.98 -23.16 18.50
N ALA A 10 23.08 -22.54 18.89
CA ALA A 10 22.99 -21.44 19.79
C ALA A 10 24.16 -20.48 19.57
N TYR A 11 23.94 -19.24 19.94
N TYR A 11 23.93 -19.21 19.87
CA TYR A 11 24.89 -18.15 19.74
CA TYR A 11 24.96 -18.17 19.77
C TYR A 11 25.04 -17.37 21.06
C TYR A 11 25.05 -17.44 21.11
N GLN A 12 26.27 -17.25 21.56
CA GLN A 12 26.54 -16.52 22.79
C GLN A 12 27.42 -15.30 22.46
N ASN A 13 27.01 -14.12 22.95
CA ASN A 13 27.76 -12.89 22.69
C ASN A 13 28.22 -12.28 24.02
N ASN A 14 29.51 -12.07 24.16
CA ASN A 14 30.08 -11.48 25.38
C ASN A 14 30.78 -10.15 25.04
N HIS A 15 30.44 -9.59 23.89
CA HIS A 15 31.08 -8.37 23.41
C HIS A 15 30.05 -7.24 23.43
N HIS A 17 28.46 -3.33 23.11
CA HIS A 17 28.59 -2.10 22.34
C HIS A 17 27.60 -1.09 22.92
N TRP A 18 27.86 0.17 22.68
CA TRP A 18 27.03 1.25 23.19
C TRP A 18 26.04 1.74 22.14
N VAL A 19 24.80 1.87 22.57
CA VAL A 19 23.77 2.58 21.84
C VAL A 19 23.62 3.90 22.60
N GLY A 20 24.10 4.99 22.00
CA GLY A 20 24.16 6.24 22.69
C GLY A 20 25.10 6.13 23.89
N ASP A 21 24.93 6.98 24.88
CA ASP A 21 25.77 6.90 26.06
C ASP A 21 24.96 6.33 27.22
N GLY A 22 23.78 5.76 26.96
CA GLY A 22 22.94 5.24 28.05
C GLY A 22 22.59 3.76 27.90
N PHE A 23 22.93 3.09 26.78
CA PHE A 23 22.52 1.69 26.62
C PHE A 23 23.73 0.81 26.27
N PRO A 24 24.36 0.20 27.28
CA PRO A 24 25.49 -0.71 27.08
C PRO A 24 24.88 -2.09 26.84
N VAL A 25 24.84 -2.52 25.58
CA VAL A 25 24.10 -3.72 25.22
C VAL A 25 24.99 -4.80 24.60
N TYR A 26 24.47 -6.01 24.69
CA TYR A 26 24.99 -7.20 24.03
C TYR A 26 23.93 -7.58 23.00
N ASN A 27 24.28 -7.47 21.75
CA ASN A 27 23.36 -7.87 20.69
C ASN A 27 23.29 -9.39 20.71
N LEU A 28 22.14 -9.95 20.99
CA LEU A 28 22.04 -11.42 21.07
C LEU A 28 21.60 -12.01 19.73
N PHE A 29 20.89 -11.26 18.92
CA PHE A 29 20.63 -11.69 17.55
C PHE A 29 20.24 -10.49 16.71
N SER A 30 20.48 -10.67 15.42
CA SER A 30 20.17 -9.67 14.42
C SER A 30 19.75 -10.35 13.10
N TYR A 31 18.81 -9.72 12.40
CA TYR A 31 18.31 -10.18 11.09
C TYR A 31 19.44 -10.12 10.06
N ASP A 32 20.42 -9.28 10.33
CA ASP A 32 21.53 -9.06 9.42
C ASP A 32 22.45 -10.28 9.38
N ARG A 33 22.42 -11.10 10.44
CA ARG A 33 23.24 -12.30 10.53
C ARG A 33 22.37 -13.54 10.35
N LEU A 34 21.18 -13.60 10.94
CA LEU A 34 20.39 -14.89 10.83
C LEU A 34 19.16 -14.78 9.91
N GLY A 35 18.76 -13.58 9.53
CA GLY A 35 17.69 -13.34 8.55
C GLY A 35 16.32 -13.96 8.85
N GLN A 36 15.82 -14.72 7.86
CA GLN A 36 14.50 -15.36 7.88
C GLN A 36 14.37 -16.41 8.98
N THR A 37 15.49 -16.99 9.43
CA THR A 37 15.44 -17.99 10.51
C THR A 37 14.77 -17.42 11.77
N LEU A 38 14.96 -16.13 12.01
CA LEU A 38 14.41 -15.49 13.21
C LEU A 38 12.97 -15.01 13.03
N SER A 39 12.44 -14.97 11.81
CA SER A 39 11.13 -14.34 11.51
C SER A 39 10.05 -14.85 12.48
N PRO A 40 9.25 -13.96 13.07
CA PRO A 40 9.19 -12.53 12.78
C PRO A 40 10.10 -11.60 13.60
N PHE A 41 11.05 -12.16 14.36
CA PHE A 41 11.89 -11.36 15.20
C PHE A 41 13.05 -10.82 14.36
N LEU A 42 13.48 -9.59 14.66
CA LEU A 42 14.52 -8.91 13.86
C LEU A 42 15.81 -8.65 14.65
N LEU A 43 15.71 -8.39 15.92
CA LEU A 43 16.87 -7.95 16.70
C LEU A 43 16.57 -8.05 18.19
N LEU A 44 17.59 -8.41 18.96
CA LEU A 44 17.49 -8.41 20.43
C LEU A 44 18.80 -7.86 21.00
N ASP A 45 18.65 -6.75 21.70
CA ASP A 45 19.77 -6.11 22.41
C ASP A 45 19.50 -6.21 23.91
N TYR A 46 20.47 -6.73 24.64
CA TYR A 46 20.31 -6.88 26.09
C TYR A 46 21.27 -5.97 26.85
N ALA A 47 20.73 -5.00 27.57
CA ALA A 47 21.55 -4.21 28.47
C ALA A 47 21.65 -4.97 29.79
N ALA A 48 22.71 -5.75 29.95
CA ALA A 48 22.94 -6.46 31.20
C ALA A 48 23.17 -5.42 32.30
N PRO A 49 22.96 -5.79 33.55
CA PRO A 49 23.07 -4.83 34.70
C PRO A 49 24.35 -4.00 34.63
N TYR A 50 24.16 -2.69 34.59
CA TYR A 50 25.28 -1.74 34.47
C TYR A 50 25.02 -0.57 35.41
N ASN A 51 26.02 -0.20 36.20
CA ASN A 51 25.85 0.84 37.18
C ASN A 51 26.01 2.25 36.58
N PHE A 52 24.99 3.07 36.76
CA PHE A 52 25.08 4.47 36.40
C PHE A 52 24.97 5.31 37.67
N SER A 53 26.02 6.07 37.99
CA SER A 53 25.95 6.93 39.14
C SER A 53 25.05 8.13 38.79
N PRO A 54 24.61 8.87 39.80
CA PRO A 54 23.71 10.03 39.63
C PRO A 54 24.23 11.06 38.63
N THR A 55 23.34 11.62 37.82
CA THR A 55 23.75 12.59 36.81
C THR A 55 22.64 13.63 36.58
N THR A 56 23.08 14.77 36.07
CA THR A 56 22.22 15.84 35.62
C THR A 56 22.03 15.75 34.11
N GLU A 57 22.83 14.89 33.49
N GLU A 57 22.68 14.78 33.44
CA GLU A 57 22.76 14.74 32.05
CA GLU A 57 22.56 14.66 31.96
C GLU A 57 21.65 13.76 31.70
C GLU A 57 21.43 13.71 31.54
N GLN A 58 21.29 13.81 30.42
N GLN A 58 21.09 13.71 30.25
CA GLN A 58 20.34 12.90 29.82
CA GLN A 58 20.12 12.75 29.71
C GLN A 58 21.19 11.84 29.09
C GLN A 58 20.90 11.69 28.94
N GLN A 59 21.28 10.64 29.64
CA GLN A 59 22.05 9.57 29.06
C GLN A 59 21.10 8.63 28.32
N GLY A 60 21.44 8.34 27.10
CA GLY A 60 20.63 7.47 26.27
C GLY A 60 20.94 7.73 24.82
N VAL A 61 19.92 7.81 23.99
CA VAL A 61 20.15 8.04 22.59
C VAL A 61 19.22 9.15 22.10
N GLY A 62 19.77 10.05 21.30
CA GLY A 62 19.04 11.14 20.75
C GLY A 62 18.16 10.70 19.59
N SER A 63 17.49 11.72 19.06
CA SER A 63 16.49 11.64 18.00
C SER A 63 16.95 10.70 16.87
N HIS A 64 16.15 9.69 16.57
CA HIS A 64 16.44 8.75 15.50
C HIS A 64 15.11 8.22 14.96
N PRO A 65 15.10 7.82 13.71
CA PRO A 65 13.90 7.32 13.09
C PRO A 65 13.76 5.79 13.10
N HIS A 66 12.53 5.33 12.91
CA HIS A 66 12.21 3.94 12.67
C HIS A 66 11.07 3.87 11.66
N ARG A 67 11.09 2.87 10.79
CA ARG A 67 9.98 2.62 9.92
C ARG A 67 9.91 1.13 9.59
N GLY A 68 8.69 0.58 9.62
CA GLY A 68 8.43 -0.76 9.11
C GLY A 68 8.31 -1.88 10.14
N PHE A 69 8.53 -1.61 11.40
CA PHE A 69 8.54 -2.68 12.37
C PHE A 69 8.16 -2.13 13.74
N GLU A 70 8.27 -2.98 14.75
CA GLU A 70 7.92 -2.61 16.12
C GLU A 70 9.14 -2.75 17.02
N THR A 71 9.25 -1.90 18.05
CA THR A 71 10.30 -2.03 19.06
C THR A 71 9.62 -2.29 20.39
N VAL A 72 10.12 -3.28 21.10
CA VAL A 72 9.58 -3.64 22.39
C VAL A 72 10.67 -3.39 23.42
N THR A 73 10.38 -2.52 24.38
CA THR A 73 11.35 -2.20 25.42
C THR A 73 10.82 -2.76 26.74
N ILE A 74 11.62 -3.58 27.38
CA ILE A 74 11.27 -4.26 28.61
C ILE A 74 12.25 -3.80 29.70
N ALA A 75 11.76 -3.08 30.72
CA ALA A 75 12.65 -2.54 31.76
C ALA A 75 12.76 -3.55 32.91
N TYR A 76 13.97 -3.96 33.26
CA TYR A 76 14.19 -4.90 34.38
C TYR A 76 14.71 -4.15 35.62
N GLN A 77 15.65 -3.24 35.43
CA GLN A 77 16.19 -2.43 36.52
C GLN A 77 16.37 -1.02 35.96
N GLY A 78 15.99 -0.03 36.74
CA GLY A 78 16.03 1.33 36.20
C GLY A 78 14.79 1.64 35.35
N GLU A 79 14.82 2.77 34.65
CA GLU A 79 13.64 3.27 33.93
C GLU A 79 14.08 3.99 32.66
N VAL A 80 13.23 3.94 31.63
CA VAL A 80 13.49 4.59 30.34
C VAL A 80 12.34 5.53 30.02
N THR A 81 12.67 6.78 29.67
CA THR A 81 11.72 7.74 29.19
C THR A 81 11.94 7.90 27.68
N HIS A 82 10.85 7.94 26.92
CA HIS A 82 10.95 8.10 25.48
C HIS A 82 10.00 9.23 25.08
N LYS A 83 10.35 9.92 24.00
CA LYS A 83 9.60 11.05 23.53
C LYS A 83 9.75 11.13 22.00
N ASP A 84 8.65 11.33 21.29
CA ASP A 84 8.71 11.42 19.82
C ASP A 84 8.59 12.89 19.36
N SER A 85 8.55 13.07 18.05
N SER A 85 8.57 13.08 18.05
CA SER A 85 8.37 14.40 17.49
CA SER A 85 8.59 14.44 17.44
C SER A 85 6.88 14.81 17.56
C SER A 85 7.19 15.05 17.28
N SER A 86 5.99 13.82 17.49
N SER A 86 6.33 14.87 18.27
CA SER A 86 4.55 14.05 17.53
CA SER A 86 5.00 15.49 18.24
C SER A 86 4.11 14.41 18.96
C SER A 86 4.52 15.75 19.67
N GLY A 87 5.08 14.63 19.85
N GLY A 87 3.98 14.72 20.29
CA GLY A 87 4.84 15.03 21.25
CA GLY A 87 3.50 14.79 21.65
C GLY A 87 4.69 13.84 22.21
C GLY A 87 3.42 13.41 22.29
N GLY A 88 4.28 12.68 21.68
N GLY A 88 4.02 12.44 21.61
CA GLY A 88 3.99 11.49 22.47
CA GLY A 88 3.97 11.06 22.07
C GLY A 88 5.20 10.89 23.19
C GLY A 88 5.22 10.64 22.84
N GLY A 89 5.01 9.70 23.75
CA GLY A 89 6.07 9.09 24.53
C GLY A 89 5.57 8.70 25.90
N GLY A 90 6.50 8.47 26.82
CA GLY A 90 6.10 8.09 28.17
C GLY A 90 7.29 7.57 28.95
N THR A 91 7.01 7.02 30.12
CA THR A 91 8.07 6.48 30.97
C THR A 91 7.82 5.00 31.26
N ILE A 92 8.82 4.19 30.97
CA ILE A 92 8.77 2.75 31.19
C ILE A 92 9.42 2.48 32.57
N LYS A 93 8.64 2.16 33.57
CA LYS A 93 9.21 1.89 34.90
C LYS A 93 9.64 0.43 34.97
N THR A 94 10.33 0.07 36.05
CA THR A 94 10.79 -1.31 36.23
C THR A 94 9.56 -2.24 36.16
N GLY A 95 9.63 -3.25 35.33
CA GLY A 95 8.51 -4.20 35.18
C GLY A 95 7.54 -3.80 34.08
N ASP A 96 7.61 -2.57 33.59
CA ASP A 96 6.72 -2.12 32.50
C ASP A 96 7.27 -2.55 31.15
N VAL A 97 6.41 -2.47 30.13
CA VAL A 97 6.81 -2.73 28.77
C VAL A 97 6.21 -1.64 27.85
N GLN A 98 6.98 -1.23 26.83
CA GLN A 98 6.47 -0.39 25.75
C GLN A 98 6.56 -1.21 24.45
N TRP A 99 5.41 -1.52 23.87
CA TRP A 99 5.31 -2.21 22.59
C TRP A 99 4.96 -1.16 21.54
N THR A 101 4.72 0.40 17.84
CA THR A 101 4.69 0.11 16.42
C THR A 101 5.20 1.35 15.67
N ALA A 102 6.35 1.27 15.04
CA ALA A 102 6.87 2.38 14.28
C ALA A 102 6.00 2.56 13.02
N GLY A 103 5.67 1.45 12.35
CA GLY A 103 4.81 1.53 11.18
C GLY A 103 5.37 2.48 10.13
N ALA A 104 4.52 3.39 9.65
CA ALA A 104 4.85 4.35 8.60
C ALA A 104 5.99 5.28 9.05
N GLY A 105 6.19 5.42 10.36
CA GLY A 105 7.33 6.18 10.82
C GLY A 105 7.14 6.86 12.16
N VAL A 106 8.25 6.95 12.87
CA VAL A 106 8.36 7.66 14.12
C VAL A 106 9.77 8.23 14.18
N LEU A 107 9.87 9.37 14.86
CA LEU A 107 11.16 9.98 15.19
C LEU A 107 11.17 10.17 16.71
N HIS A 108 12.08 9.49 17.42
CA HIS A 108 12.03 9.54 18.86
C HIS A 108 13.42 9.48 19.49
N GLU A 109 13.43 9.81 20.78
CA GLU A 109 14.57 9.72 21.62
C GLU A 109 14.22 8.79 22.79
N GLU A 110 15.24 8.12 23.33
CA GLU A 110 15.11 7.18 24.43
C GLU A 110 16.25 7.46 25.41
N PHE A 111 15.92 7.63 26.67
N PHE A 111 15.90 7.87 26.63
CA PHE A 111 16.96 7.96 27.63
CA PHE A 111 16.89 8.21 27.66
C PHE A 111 16.49 7.57 29.03
C PHE A 111 16.53 7.51 28.98
N HIS A 112 17.44 7.58 29.96
CA HIS A 112 17.12 7.17 31.30
C HIS A 112 16.08 8.16 31.85
N SER A 113 15.11 7.68 32.59
CA SER A 113 14.11 8.58 33.16
C SER A 113 14.79 9.59 34.09
N PRO A 114 14.19 10.76 34.27
CA PRO A 114 14.75 11.76 35.20
C PRO A 114 14.92 11.19 36.61
N GLU A 115 13.96 10.39 37.06
CA GLU A 115 14.00 9.80 38.39
C GLU A 115 15.20 8.84 38.50
N PHE A 116 15.40 8.00 37.50
CA PHE A 116 16.52 7.06 37.51
C PHE A 116 17.84 7.83 37.40
N ALA A 117 17.89 8.85 36.56
CA ALA A 117 19.11 9.64 36.39
C ALA A 117 19.51 10.25 37.73
N GLU A 118 18.53 10.77 38.46
CA GLU A 118 18.78 11.45 39.74
C GLU A 118 19.31 10.47 40.80
N HIS A 119 18.75 9.29 40.88
CA HIS A 119 19.13 8.35 41.94
C HIS A 119 20.30 7.44 41.51
N GLY A 120 20.42 7.11 40.22
CA GLY A 120 21.46 6.20 39.74
C GLY A 120 21.18 4.76 40.19
N GLY A 121 22.13 3.88 39.96
CA GLY A 121 21.97 2.46 40.29
C GLY A 121 22.11 1.57 39.05
N LEU A 122 21.73 0.30 39.17
CA LEU A 122 21.87 -0.63 38.07
C LEU A 122 20.75 -0.41 37.05
N PHE A 123 21.13 -0.51 35.80
CA PHE A 123 20.24 -0.38 34.69
C PHE A 123 20.24 -1.72 33.96
N GLU A 124 19.07 -2.27 33.65
CA GLU A 124 18.99 -3.54 32.95
C GLU A 124 17.72 -3.51 32.11
N VAL A 126 15.86 -4.98 28.02
CA VAL A 126 15.91 -5.67 26.74
C VAL A 126 15.15 -4.81 25.71
N GLN A 127 15.73 -4.67 24.54
CA GLN A 127 15.00 -4.10 23.40
C GLN A 127 14.94 -5.17 22.29
N LEU A 128 13.72 -5.48 21.89
CA LEU A 128 13.41 -6.46 20.88
C LEU A 128 12.72 -5.79 19.70
N TRP A 129 13.21 -6.01 18.50
CA TRP A 129 12.55 -5.54 17.30
C TRP A 129 11.73 -6.70 16.73
N VAL A 130 10.48 -6.43 16.40
CA VAL A 130 9.56 -7.40 15.82
C VAL A 130 9.13 -6.89 14.45
N ASN A 131 9.19 -7.75 13.46
CA ASN A 131 8.85 -7.38 12.11
C ASN A 131 7.32 -7.37 11.95
N LEU A 132 6.88 -6.58 10.98
CA LEU A 132 5.49 -6.53 10.57
C LEU A 132 5.27 -7.21 9.21
N PRO A 133 4.10 -7.83 9.03
CA PRO A 133 3.72 -8.28 7.71
C PRO A 133 3.73 -7.08 6.76
N SER A 134 3.99 -7.34 5.49
CA SER A 134 4.11 -6.31 4.46
C SER A 134 2.92 -5.36 4.49
N HIS A 135 1.72 -5.93 4.58
CA HIS A 135 0.48 -5.13 4.55
C HIS A 135 0.36 -4.16 5.73
N SER A 136 1.07 -4.42 6.82
CA SER A 136 0.94 -3.66 8.05
C SER A 136 2.08 -2.66 8.23
N LYS A 137 3.10 -2.71 7.37
CA LYS A 137 4.28 -1.90 7.60
C LYS A 137 3.99 -0.41 7.55
N THR A 139 1.15 1.21 8.34
CA THR A 139 0.08 1.66 9.22
C THR A 139 0.65 2.77 10.11
N PRO A 140 -0.20 3.66 10.60
CA PRO A 140 0.30 4.73 11.47
C PRO A 140 0.97 4.19 12.73
N GLY A 141 2.06 4.82 13.11
CA GLY A 141 2.77 4.49 14.34
C GLY A 141 1.87 4.64 15.55
N LYS A 142 2.08 3.81 16.56
CA LYS A 142 1.26 3.83 17.76
C LYS A 142 2.04 3.24 18.93
N TYR A 143 1.56 3.54 20.13
CA TYR A 143 2.18 3.04 21.35
C TYR A 143 1.27 2.09 22.11
N GLN A 144 1.89 1.15 22.81
CA GLN A 144 1.20 0.34 23.79
C GLN A 144 2.04 0.41 25.05
N ALA A 145 1.64 1.28 25.97
CA ALA A 145 2.32 1.40 27.26
C ALA A 145 1.67 0.41 28.22
N ILE A 146 2.42 -0.59 28.62
CA ILE A 146 1.88 -1.61 29.48
C ILE A 146 2.55 -1.54 30.85
N GLU A 147 1.73 -1.33 31.88
CA GLU A 147 2.19 -1.26 33.26
C GLU A 147 2.40 -2.68 33.79
N ALA A 148 3.40 -2.81 34.67
CA ALA A 148 3.80 -4.09 35.24
C ALA A 148 2.59 -4.86 35.80
N LYS A 149 1.66 -4.16 36.46
CA LYS A 149 0.55 -4.86 37.11
C LYS A 149 -0.44 -5.46 36.10
N ASP A 150 -0.39 -5.06 34.84
CA ASP A 150 -1.33 -5.56 33.83
C ASP A 150 -0.75 -6.73 33.03
N ILE A 151 0.46 -7.17 33.34
CA ILE A 151 1.03 -8.27 32.58
C ILE A 151 0.73 -9.58 33.32
N PRO A 152 -0.01 -10.52 32.71
CA PRO A 152 -0.30 -11.80 33.37
C PRO A 152 1.01 -12.52 33.71
N ASP A 153 1.12 -12.99 34.95
CA ASP A 153 2.32 -13.64 35.53
C ASP A 153 1.92 -15.03 36.02
N ILE A 154 2.45 -16.06 35.39
CA ILE A 154 2.06 -17.41 35.66
C ILE A 154 3.13 -18.10 36.49
N ALA A 155 2.73 -18.71 37.62
CA ALA A 155 3.68 -19.45 38.43
C ALA A 155 3.93 -20.81 37.76
N LEU A 156 5.18 -21.13 37.48
CA LEU A 156 5.49 -22.40 36.82
C LEU A 156 5.74 -23.53 37.83
N ASP A 157 6.05 -23.17 39.07
CA ASP A 157 6.25 -24.16 40.11
C ASP A 157 5.96 -23.48 41.45
N GLU A 158 6.26 -24.18 42.54
CA GLU A 158 6.00 -23.67 43.87
C GLU A 158 7.29 -23.13 44.49
N HIS A 159 8.31 -22.89 43.65
CA HIS A 159 9.60 -22.48 44.17
C HIS A 159 10.01 -21.08 43.71
N GLY A 160 9.14 -20.38 42.99
CA GLY A 160 9.49 -19.03 42.56
C GLY A 160 9.66 -18.89 41.05
N SER A 161 9.58 -19.97 40.27
CA SER A 161 9.68 -19.81 38.79
C SER A 161 8.39 -19.17 38.29
N HIS A 162 8.50 -18.25 37.32
CA HIS A 162 7.33 -17.59 36.77
C HIS A 162 7.58 -17.19 35.31
N LEU A 163 6.48 -16.95 34.63
CA LEU A 163 6.48 -16.55 33.25
C LEU A 163 5.47 -15.42 33.07
N ARG A 164 5.89 -14.33 32.42
CA ARG A 164 5.00 -13.21 32.11
C ARG A 164 4.62 -13.30 30.64
N VAL A 165 3.34 -13.14 30.35
CA VAL A 165 2.86 -13.23 28.99
C VAL A 165 2.80 -11.81 28.42
N ILE A 166 3.88 -11.38 27.81
CA ILE A 166 3.95 -10.04 27.28
C ILE A 166 3.08 -9.96 26.00
N ALA A 167 3.18 -10.97 25.16
CA ALA A 167 2.37 -11.09 23.97
C ALA A 167 2.03 -12.57 23.75
N GLY A 168 0.90 -12.81 23.11
CA GLY A 168 0.50 -14.15 22.75
C GLY A 168 -0.42 -14.78 23.79
N GLU A 169 -0.11 -16.02 24.14
CA GLU A 169 -0.98 -16.72 25.09
C GLU A 169 -0.21 -17.88 25.72
N TYR A 170 -0.40 -18.03 27.02
CA TYR A 170 0.17 -19.12 27.79
C TYR A 170 -0.82 -19.51 28.91
N ALA A 171 -1.05 -20.79 29.11
CA ALA A 171 -1.91 -21.29 30.23
C ALA A 171 -3.25 -20.54 30.29
N ASP A 172 -3.88 -20.35 29.14
CA ASP A 172 -5.16 -19.64 29.03
C ASP A 172 -5.02 -18.16 29.43
N ALA A 173 -3.81 -17.65 29.63
CA ALA A 173 -3.61 -16.23 29.94
C ALA A 173 -3.26 -15.50 28.65
N LYS A 174 -3.90 -14.36 28.40
CA LYS A 174 -3.69 -13.62 27.16
C LYS A 174 -2.63 -12.55 27.36
N GLY A 175 -1.80 -12.36 26.34
CA GLY A 175 -0.74 -11.37 26.37
C GLY A 175 -1.26 -9.96 26.56
N ALA A 176 -0.44 -9.13 27.17
CA ALA A 176 -0.79 -7.76 27.47
C ALA A 176 -0.67 -6.90 26.21
N ALA A 177 0.23 -7.25 25.30
CA ALA A 177 0.41 -6.49 24.05
C ALA A 177 -0.33 -7.18 22.91
N THR A 178 -1.01 -6.38 22.09
CA THR A 178 -1.63 -6.87 20.86
C THR A 178 -0.55 -6.91 19.77
N THR A 179 -0.75 -7.75 18.76
CA THR A 179 0.22 -7.99 17.70
C THR A 179 -0.46 -8.04 16.32
N PHE A 180 0.33 -7.92 15.25
CA PHE A 180 -0.20 -7.95 13.86
C PHE A 180 -0.18 -9.36 13.25
N SER A 181 0.60 -10.27 13.85
CA SER A 181 0.68 -11.65 13.37
C SER A 181 0.78 -12.55 14.61
N PRO A 182 0.56 -13.87 14.46
CA PRO A 182 0.57 -14.76 15.62
C PRO A 182 1.99 -14.92 16.18
N LEU A 183 2.17 -14.52 17.43
CA LEU A 183 3.48 -14.60 18.05
C LEU A 183 3.33 -14.53 19.57
N ASN A 184 4.37 -15.06 20.21
CA ASN A 184 4.50 -15.10 21.66
C ASN A 184 5.78 -14.41 22.09
N VAL A 185 5.66 -13.63 23.15
CA VAL A 185 6.81 -13.06 23.82
C VAL A 185 6.56 -13.33 25.30
N TRP A 186 7.35 -14.24 25.84
CA TRP A 186 7.23 -14.61 27.24
C TRP A 186 8.56 -14.33 27.94
N ASP A 187 8.53 -13.78 29.15
CA ASP A 187 9.81 -13.61 29.87
C ASP A 187 9.64 -14.19 31.27
N GLY A 188 10.72 -14.33 32.00
CA GLY A 188 10.53 -14.80 33.36
C GLY A 188 11.81 -15.31 33.98
N LYS A 189 11.60 -16.08 35.05
CA LYS A 189 12.67 -16.62 35.83
C LYS A 189 12.37 -18.08 36.14
N LEU A 190 13.39 -18.90 35.95
CA LEU A 190 13.32 -20.32 36.30
C LEU A 190 14.30 -20.52 37.46
N VAL A 191 13.82 -21.06 38.56
N VAL A 191 13.82 -21.00 38.59
CA VAL A 191 14.63 -21.24 39.74
CA VAL A 191 14.72 -21.16 39.71
C VAL A 191 15.43 -22.55 39.62
C VAL A 191 15.44 -22.51 39.58
N LYS A 192 16.69 -22.45 40.12
CA LYS A 192 17.60 -23.56 40.10
C LYS A 192 16.91 -24.82 40.61
N GLY A 193 17.13 -25.91 39.87
CA GLY A 193 16.63 -27.24 40.22
C GLY A 193 15.21 -27.52 39.74
N GLN A 194 14.58 -26.60 39.01
CA GLN A 194 13.21 -26.85 38.55
C GLN A 194 13.18 -27.03 37.02
N LYS A 195 12.33 -27.98 36.60
CA LYS A 195 12.12 -28.35 35.20
C LYS A 195 10.71 -27.98 34.74
N HIS A 196 10.60 -27.59 33.46
CA HIS A 196 9.34 -27.13 32.89
C HIS A 196 9.23 -27.51 31.40
N THR A 197 8.03 -27.94 31.02
CA THR A 197 7.74 -28.26 29.63
C THR A 197 6.87 -27.13 29.06
N LEU A 198 7.30 -26.59 27.93
N LEU A 198 7.29 -26.60 27.92
CA LEU A 198 6.54 -25.52 27.29
CA LEU A 198 6.61 -25.49 27.26
C LEU A 198 5.99 -26.06 25.97
C LEU A 198 6.05 -25.96 25.92
N TYR A 199 4.80 -25.59 25.64
CA TYR A 199 4.13 -25.94 24.40
C TYR A 199 4.02 -24.69 23.55
N VAL A 200 4.41 -24.86 22.28
N VAL A 200 4.40 -24.82 22.29
CA VAL A 200 4.48 -23.81 21.28
CA VAL A 200 4.39 -23.70 21.38
C VAL A 200 3.67 -24.26 20.06
C VAL A 200 3.78 -24.20 20.06
N PRO A 201 3.08 -23.31 19.33
CA PRO A 201 2.38 -23.72 18.13
C PRO A 201 3.27 -24.38 17.06
N GLU A 202 2.73 -25.44 16.46
CA GLU A 202 3.40 -26.18 15.42
C GLU A 202 3.81 -25.22 14.30
N GLY A 203 5.04 -25.34 13.80
CA GLY A 203 5.48 -24.48 12.66
C GLY A 203 6.04 -23.13 13.07
N HIS A 204 5.95 -22.74 14.35
CA HIS A 204 6.46 -21.43 14.78
C HIS A 204 7.99 -21.45 14.97
N THR A 205 8.61 -20.36 14.53
CA THR A 205 9.96 -20.01 14.96
C THR A 205 9.95 -20.03 16.49
N THR A 206 11.00 -20.58 17.11
CA THR A 206 11.08 -20.71 18.54
C THR A 206 12.50 -20.39 18.97
N LEU A 207 12.64 -19.27 19.67
CA LEU A 207 13.91 -18.82 20.17
C LEU A 207 13.90 -18.83 21.70
N VAL A 208 14.91 -19.44 22.30
CA VAL A 208 15.07 -19.46 23.76
C VAL A 208 16.24 -18.54 24.08
N VAL A 209 15.93 -17.45 24.75
CA VAL A 209 16.94 -16.46 25.10
C VAL A 209 17.25 -16.59 26.59
N VAL A 210 18.52 -16.84 26.90
CA VAL A 210 18.98 -16.89 28.25
C VAL A 210 19.75 -15.61 28.52
N LEU A 211 19.18 -14.73 29.34
CA LEU A 211 19.84 -13.48 29.66
C LEU A 211 20.93 -13.69 30.70
N GLU A 212 20.63 -14.49 31.71
CA GLU A 212 21.53 -14.74 32.82
C GLU A 212 21.17 -16.09 33.41
N GLY A 213 22.17 -16.87 33.79
CA GLY A 213 21.94 -18.16 34.42
C GLY A 213 22.43 -19.31 33.57
N ALA A 214 21.74 -20.45 33.70
CA ALA A 214 22.14 -21.69 33.03
C ALA A 214 20.95 -22.64 33.03
N VAL A 215 20.53 -23.06 31.84
N VAL A 215 20.50 -23.03 31.83
CA VAL A 215 19.37 -23.92 31.70
CA VAL A 215 19.41 -23.96 31.70
C VAL A 215 19.62 -24.96 30.59
C VAL A 215 19.84 -25.07 30.73
N VAL A 216 19.12 -26.18 30.82
CA VAL A 216 19.30 -27.29 29.90
C VAL A 216 18.00 -27.42 29.10
N VAL A 217 18.14 -27.44 27.78
CA VAL A 217 17.01 -27.61 26.87
C VAL A 217 16.92 -29.09 26.46
N ASN A 218 15.72 -29.66 26.56
CA ASN A 218 15.43 -31.05 26.15
C ASN A 218 16.43 -32.03 26.77
N ASP A 219 16.80 -31.81 28.04
CA ASP A 219 17.67 -32.72 28.82
C ASP A 219 19.08 -32.87 28.27
N THR A 220 19.45 -32.33 27.12
CA THR A 220 20.78 -32.60 26.59
C THR A 220 21.57 -31.36 26.18
N ASN A 221 21.00 -30.16 26.10
CA ASN A 221 21.83 -29.02 25.66
C ASN A 221 21.78 -27.88 26.69
N ARG A 222 22.93 -27.61 27.29
CA ARG A 222 22.98 -26.58 28.29
C ARG A 222 23.30 -25.23 27.64
N LEU A 223 22.60 -24.19 28.11
CA LEU A 223 22.75 -22.83 27.63
C LEU A 223 23.15 -21.93 28.80
N GLU A 224 24.12 -21.04 28.57
CA GLU A 224 24.56 -20.07 29.57
C GLU A 224 24.00 -18.68 29.22
N GLY A 225 24.39 -17.67 30.00
CA GLY A 225 23.90 -16.30 29.84
C GLY A 225 24.36 -15.65 28.54
N LYS A 226 23.57 -14.68 28.12
CA LYS A 226 23.81 -13.90 26.91
CA LYS A 226 23.74 -13.90 26.91
C LYS A 226 23.78 -14.85 25.71
N THR A 227 22.81 -15.78 25.70
CA THR A 227 22.75 -16.80 24.63
C THR A 227 21.33 -16.87 24.03
N VAL A 228 21.27 -17.09 22.72
CA VAL A 228 20.03 -17.42 22.06
C VAL A 228 20.17 -18.81 21.42
N ALA A 229 19.21 -19.68 21.69
CA ALA A 229 19.10 -20.97 21.07
C ALA A 229 17.96 -20.94 20.05
N ILE A 230 18.17 -21.60 18.92
CA ILE A 230 17.18 -21.75 17.89
C ILE A 230 16.69 -23.20 17.90
N LEU A 231 15.38 -23.38 18.07
CA LEU A 231 14.78 -24.72 18.03
C LEU A 231 14.08 -24.90 16.68
N SER A 232 13.78 -26.15 16.33
CA SER A 232 13.15 -26.41 15.04
C SER A 232 11.72 -25.86 15.00
N ARG A 233 11.32 -25.45 13.81
CA ARG A 233 9.94 -24.99 13.59
C ARG A 233 8.99 -26.19 13.70
N GLU A 234 9.45 -27.35 13.25
CA GLU A 234 8.67 -28.58 13.35
C GLU A 234 8.62 -28.99 14.83
N GLY A 235 7.44 -29.41 15.32
CA GLY A 235 7.32 -29.83 16.74
C GLY A 235 6.54 -28.81 17.58
N VAL A 236 6.07 -29.25 18.74
CA VAL A 236 5.24 -28.38 19.56
C VAL A 236 5.79 -28.27 20.98
N GLU A 237 6.77 -29.04 21.38
CA GLU A 237 7.13 -28.91 22.79
C GLU A 237 8.64 -28.98 23.00
N PHE A 238 9.05 -28.40 24.11
CA PHE A 238 10.42 -28.49 24.56
C PHE A 238 10.42 -28.29 26.07
N SER A 239 11.52 -28.65 26.68
CA SER A 239 11.67 -28.55 28.13
C SER A 239 12.86 -27.68 28.50
N LEU A 240 12.75 -27.03 29.65
CA LEU A 240 13.81 -26.24 30.22
C LEU A 240 14.01 -26.72 31.67
N ASN A 241 15.25 -26.94 32.04
CA ASN A 241 15.60 -27.41 33.38
C ASN A 241 16.72 -26.51 33.90
N ALA A 242 16.44 -25.68 34.90
CA ALA A 242 17.44 -24.71 35.38
C ALA A 242 18.52 -25.35 36.26
N GLU A 243 19.79 -25.04 35.96
CA GLU A 243 20.94 -25.49 36.75
C GLU A 243 21.35 -24.37 37.73
N GLU A 244 20.84 -23.17 37.43
CA GLU A 244 21.06 -21.94 38.22
CA GLU A 244 21.03 -21.99 38.26
C GLU A 244 19.82 -21.07 38.06
N ASP A 245 19.59 -20.12 38.96
CA ASP A 245 18.47 -19.18 38.76
C ASP A 245 18.68 -18.51 37.39
N THR A 246 17.66 -18.54 36.53
CA THR A 246 17.83 -18.10 35.15
C THR A 246 16.77 -17.07 34.74
N LYS A 247 17.20 -15.96 34.15
CA LYS A 247 16.33 -14.99 33.54
C LYS A 247 16.27 -15.34 32.05
N PHE A 248 15.06 -15.53 31.54
CA PHE A 248 14.90 -15.99 30.15
C PHE A 248 13.79 -15.22 29.42
N LEU A 249 13.84 -15.38 28.10
CA LEU A 249 12.73 -15.02 27.23
C LEU A 249 12.48 -16.19 26.30
N VAL A 250 11.23 -16.41 26.00
CA VAL A 250 10.87 -17.35 24.94
C VAL A 250 10.13 -16.52 23.88
N LEU A 251 10.60 -16.58 22.65
CA LEU A 251 10.03 -15.83 21.55
C LEU A 251 9.58 -16.82 20.49
N THR A 252 8.32 -16.81 20.13
CA THR A 252 7.85 -17.71 19.07
C THR A 252 6.97 -16.91 18.13
N GLY A 253 6.84 -17.41 16.90
CA GLY A 253 5.95 -16.77 16.00
C GLY A 253 5.86 -17.46 14.66
N GLN A 254 4.72 -17.20 14.01
N GLN A 254 4.71 -17.25 14.02
CA GLN A 254 4.49 -17.67 12.67
CA GLN A 254 4.49 -17.74 12.68
C GLN A 254 5.48 -16.92 11.77
C GLN A 254 5.44 -16.96 11.76
N PRO A 255 6.31 -17.65 11.01
CA PRO A 255 7.25 -16.98 10.11
C PRO A 255 6.48 -16.12 9.09
N LEU A 256 7.00 -14.96 8.76
CA LEU A 256 6.25 -14.06 7.87
C LEU A 256 6.35 -14.53 6.41
N ASN A 257 7.47 -15.17 6.09
N ASN A 257 7.46 -15.19 6.07
CA ASN A 257 7.73 -15.67 4.74
CA ASN A 257 7.70 -15.71 4.71
C ASN A 257 7.57 -14.54 3.73
C ASN A 257 7.60 -14.56 3.70
N GLU A 258 8.22 -13.42 4.04
CA GLU A 258 8.24 -12.25 3.18
C GLU A 258 9.68 -11.74 3.16
N PRO A 259 10.07 -11.06 2.09
CA PRO A 259 11.43 -10.57 2.00
C PRO A 259 11.80 -9.56 3.11
N ILE A 260 13.06 -9.54 3.49
CA ILE A 260 13.55 -8.58 4.46
C ILE A 260 14.62 -7.70 3.80
N GLU A 261 14.37 -6.40 3.78
N GLU A 261 14.39 -6.41 3.76
CA GLU A 261 15.36 -5.45 3.29
CA GLU A 261 15.43 -5.50 3.30
C GLU A 261 15.54 -4.40 4.39
C GLU A 261 15.56 -4.41 4.36
N GLY A 262 16.69 -4.46 5.07
CA GLY A 262 16.94 -3.56 6.18
C GLY A 262 18.10 -2.63 5.91
N TYR A 263 18.05 -1.49 6.57
CA TYR A 263 19.09 -0.49 6.51
C TYR A 263 18.98 0.37 7.77
N GLY A 264 19.97 0.28 8.65
CA GLY A 264 19.95 1.06 9.89
C GLY A 264 18.68 0.89 10.71
N PRO A 265 17.90 1.96 10.89
CA PRO A 265 16.67 1.74 11.65
C PRO A 265 15.41 1.57 10.78
N PHE A 266 15.60 1.19 9.53
CA PHE A 266 14.48 0.92 8.64
C PHE A 266 14.48 -0.56 8.26
N VAL A 267 13.31 -1.21 8.31
CA VAL A 267 13.23 -2.59 7.86
C VAL A 267 11.96 -2.71 7.01
N ASN A 269 10.37 -4.39 2.92
CA ASN A 269 10.36 -5.65 2.15
C ASN A 269 11.24 -5.52 0.90
N THR A 270 11.45 -4.30 0.39
CA THR A 270 12.20 -4.11 -0.86
C THR A 270 13.24 -3.00 -0.73
N LYS A 271 14.23 -3.05 -1.63
CA LYS A 271 15.26 -2.01 -1.70
C LYS A 271 14.61 -0.67 -2.11
N ALA A 272 13.61 -0.72 -3.00
CA ALA A 272 12.91 0.52 -3.40
C ALA A 272 12.26 1.19 -2.18
N GLU A 273 11.66 0.38 -1.29
CA GLU A 273 11.04 0.93 -0.08
C GLU A 273 12.11 1.52 0.84
N ILE A 274 13.30 0.90 0.91
CA ILE A 274 14.40 1.43 1.72
C ILE A 274 14.83 2.79 1.13
N GLU A 276 12.99 4.90 -0.46
CA GLU A 276 11.93 5.86 -0.09
C GLU A 276 12.08 6.29 1.38
N ALA A 277 12.39 5.34 2.26
CA ALA A 277 12.59 5.66 3.68
C ALA A 277 13.78 6.62 3.86
N ILE A 278 14.89 6.30 3.21
CA ILE A 278 16.08 7.14 3.25
C ILE A 278 15.74 8.56 2.77
N ASN A 279 15.05 8.64 1.64
CA ASN A 279 14.71 9.95 1.04
C ASN A 279 13.77 10.73 1.98
N ASP A 280 12.76 10.07 2.51
CA ASP A 280 11.80 10.70 3.43
C ASP A 280 12.54 11.26 4.65
N PHE A 281 13.45 10.47 5.21
CA PHE A 281 14.13 10.91 6.42
C PHE A 281 15.14 12.01 6.12
N ASN A 282 15.92 11.85 5.04
CA ASN A 282 16.96 12.81 4.72
C ASN A 282 16.34 14.16 4.30
N ARG A 283 15.13 14.17 3.77
CA ARG A 283 14.50 15.42 3.35
CA ARG A 283 14.53 15.43 3.35
C ARG A 283 13.71 16.05 4.50
N GLY A 284 13.84 15.50 5.71
CA GLY A 284 13.17 16.07 6.89
C GLY A 284 11.69 15.72 7.05
N LYS A 285 11.17 14.71 6.36
CA LYS A 285 9.72 14.42 6.46
C LYS A 285 9.33 13.73 7.78
N PHE A 286 10.28 13.28 8.61
CA PHE A 286 9.91 12.64 9.90
C PHE A 286 9.76 13.72 10.99
N GLY A 287 10.10 14.98 10.70
CA GLY A 287 9.93 16.09 11.68
C GLY A 287 11.14 16.31 12.58
N SER A 288 10.91 16.78 13.81
CA SER A 288 11.99 17.04 14.79
C SER A 288 11.45 17.06 16.23
N ILE A 289 12.32 16.82 17.20
CA ILE A 289 11.92 16.83 18.60
C ILE A 289 12.42 18.13 19.27
N ALA B 3 50.41 -3.40 -23.61
CA ALA B 3 49.29 -4.34 -23.24
C ALA B 3 48.05 -3.54 -22.84
N LYS B 5 44.39 -2.80 -21.32
CA LYS B 5 43.55 -3.24 -20.23
C LYS B 5 42.24 -3.70 -20.88
N LYS B 6 41.61 -4.73 -20.35
CA LYS B 6 40.36 -5.22 -20.93
CA LYS B 6 40.36 -5.25 -20.91
C LYS B 6 39.16 -4.67 -20.16
N PHE B 7 38.09 -4.39 -20.89
CA PHE B 7 36.84 -3.95 -20.34
C PHE B 7 36.14 -5.18 -19.70
N LEU B 8 35.86 -5.16 -18.41
CA LEU B 8 35.27 -6.34 -17.74
C LEU B 8 33.77 -6.18 -17.54
N GLY B 9 33.32 -4.96 -17.26
CA GLY B 9 31.91 -4.73 -17.04
C GLY B 9 31.62 -3.29 -16.65
N ALA B 10 30.35 -2.97 -16.54
CA ALA B 10 29.94 -1.62 -16.21
C ALA B 10 28.58 -1.62 -15.52
N TYR B 11 28.40 -0.62 -14.66
N TYR B 11 28.40 -0.65 -14.64
CA TYR B 11 27.21 -0.43 -13.87
CA TYR B 11 27.16 -0.44 -13.93
C TYR B 11 26.67 1.00 -14.12
C TYR B 11 26.67 0.99 -14.17
N GLN B 12 25.39 1.12 -14.49
CA GLN B 12 24.78 2.43 -14.69
C GLN B 12 23.65 2.58 -13.67
N ASN B 13 23.64 3.70 -12.94
CA ASN B 13 22.62 3.94 -11.92
C ASN B 13 21.81 5.18 -12.25
N ASN B 14 20.49 5.02 -12.35
CA ASN B 14 19.62 6.17 -12.63
C ASN B 14 18.67 6.42 -11.45
N HIS B 15 18.98 5.88 -10.29
CA HIS B 15 18.11 5.94 -9.11
C HIS B 15 18.78 6.88 -8.10
N HIS B 17 19.20 9.23 -4.64
CA HIS B 17 18.80 9.24 -3.23
C HIS B 17 19.38 10.50 -2.60
N TRP B 18 18.81 10.91 -1.48
CA TRP B 18 19.23 12.12 -0.80
C TRP B 18 20.18 11.84 0.37
N VAL B 19 21.26 12.61 0.39
CA VAL B 19 22.14 12.66 1.52
C VAL B 19 21.82 13.99 2.20
N GLY B 20 21.16 13.93 3.35
CA GLY B 20 20.64 15.12 3.95
C GLY B 20 19.63 15.79 3.02
N ASP B 21 19.42 17.09 3.16
CA ASP B 21 18.45 17.74 2.26
C ASP B 21 19.18 18.59 1.23
N GLY B 22 20.50 18.47 1.11
CA GLY B 22 21.26 19.29 0.17
C GLY B 22 22.03 18.51 -0.89
N PHE B 23 22.08 17.19 -0.79
CA PHE B 23 22.89 16.42 -1.79
C PHE B 23 22.06 15.33 -2.47
N PRO B 24 21.52 15.63 -3.67
CA PRO B 24 20.74 14.66 -4.42
C PRO B 24 21.74 13.87 -5.24
N VAL B 25 21.99 12.62 -4.87
CA VAL B 25 23.10 11.91 -5.48
C VAL B 25 22.69 10.59 -6.09
N TYR B 26 23.49 10.20 -7.07
CA TYR B 26 23.44 8.91 -7.70
C TYR B 26 24.70 8.14 -7.25
N ASN B 27 24.50 7.06 -6.50
CA ASN B 27 25.62 6.24 -6.06
C ASN B 27 26.13 5.45 -7.28
N LEU B 28 27.35 5.67 -7.72
CA LEU B 28 27.87 4.97 -8.89
C LEU B 28 28.63 3.69 -8.46
N PHE B 29 29.18 3.64 -7.25
CA PHE B 29 29.77 2.42 -6.72
C PHE B 29 29.92 2.53 -5.20
N SER B 30 29.94 1.36 -4.59
CA SER B 30 30.07 1.23 -3.18
C SER B 30 30.85 -0.04 -2.86
N TYR B 31 31.62 0.02 -1.79
CA TYR B 31 32.44 -1.12 -1.30
C TYR B 31 31.53 -2.26 -0.84
N ASP B 32 30.30 -1.85 -0.55
CA ASP B 32 29.23 -2.73 -0.09
C ASP B 32 28.78 -3.71 -1.19
N ARG B 33 28.94 -3.34 -2.48
CA ARG B 33 28.49 -4.19 -3.59
CA ARG B 33 28.48 -4.25 -3.54
C ARG B 33 29.67 -4.82 -4.33
N LEU B 34 30.78 -4.10 -4.50
CA LEU B 34 31.92 -4.68 -5.30
C LEU B 34 33.19 -4.90 -4.49
N GLY B 35 33.21 -4.43 -3.24
CA GLY B 35 34.31 -4.59 -2.25
C GLY B 35 35.72 -4.36 -2.76
N GLN B 36 36.54 -5.43 -2.69
CA GLN B 36 37.99 -5.39 -2.98
C GLN B 36 38.30 -5.08 -4.45
N THR B 37 37.34 -5.33 -5.34
CA THR B 37 37.52 -5.03 -6.75
C THR B 37 37.82 -3.54 -6.95
N LEU B 38 37.21 -2.67 -6.12
CA LEU B 38 37.35 -1.23 -6.24
C LEU B 38 38.60 -0.67 -5.54
N SER B 39 39.28 -1.47 -4.71
CA SER B 39 40.39 -1.00 -3.88
C SER B 39 41.39 -0.21 -4.71
N PRO B 40 41.83 0.97 -4.24
CA PRO B 40 41.50 1.54 -2.88
C PRO B 40 40.24 2.41 -2.74
N PHE B 41 39.40 2.46 -3.76
CA PHE B 41 38.21 3.33 -3.75
C PHE B 41 37.06 2.62 -3.02
N LEU B 42 36.28 3.37 -2.23
CA LEU B 42 35.23 2.80 -1.40
C LEU B 42 33.83 3.22 -1.85
N LEU B 43 33.69 4.44 -2.37
CA LEU B 43 32.36 4.95 -2.67
C LEU B 43 32.47 6.15 -3.61
N LEU B 44 31.53 6.28 -4.53
N LEU B 44 31.49 6.26 -4.47
CA LEU B 44 31.45 7.47 -5.38
CA LEU B 44 31.37 7.37 -5.38
C LEU B 44 29.96 7.85 -5.53
C LEU B 44 29.90 7.79 -5.43
N ASP B 45 29.64 9.02 -5.00
CA ASP B 45 28.30 9.61 -5.05
C ASP B 45 28.40 10.83 -5.97
N TYR B 46 27.53 10.86 -6.98
CA TYR B 46 27.50 11.93 -7.92
C TYR B 46 26.21 12.75 -7.79
N ALA B 47 26.36 13.99 -7.31
CA ALA B 47 25.25 14.92 -7.31
C ALA B 47 25.15 15.54 -8.70
N ALA B 48 24.36 14.91 -9.56
CA ALA B 48 24.17 15.40 -10.92
C ALA B 48 23.48 16.77 -10.81
N PRO B 49 23.62 17.61 -11.86
CA PRO B 49 23.11 18.97 -11.82
C PRO B 49 21.66 19.04 -11.33
N TYR B 50 21.47 19.79 -10.25
CA TYR B 50 20.18 19.93 -9.61
C TYR B 50 20.02 21.41 -9.25
N ASN B 51 18.89 22.02 -9.65
CA ASN B 51 18.71 23.45 -9.48
C ASN B 51 17.97 23.72 -8.16
N PHE B 52 18.68 24.26 -7.19
CA PHE B 52 18.10 24.61 -5.93
C PHE B 52 17.52 26.02 -5.95
N SER B 53 16.30 26.18 -5.43
CA SER B 53 15.71 27.52 -5.31
C SER B 53 16.45 28.30 -4.21
N PRO B 54 16.47 29.64 -4.32
CA PRO B 54 17.04 30.50 -3.28
C PRO B 54 16.38 30.20 -1.92
N THR B 55 17.17 30.21 -0.86
CA THR B 55 16.64 29.94 0.46
C THR B 55 17.48 30.63 1.53
N THR B 56 16.88 30.81 2.71
CA THR B 56 17.58 31.31 3.89
C THR B 56 17.97 30.11 4.78
N GLU B 57 17.49 28.92 4.45
CA GLU B 57 17.79 27.75 5.28
C GLU B 57 19.15 27.17 4.87
N GLN B 58 19.71 26.40 5.77
CA GLN B 58 20.99 25.74 5.57
C GLN B 58 20.71 24.30 5.14
N GLN B 59 20.94 24.02 3.87
CA GLN B 59 20.66 22.73 3.29
C GLN B 59 21.96 21.95 3.11
N GLY B 60 21.92 20.69 3.47
CA GLY B 60 23.09 19.85 3.38
C GLY B 60 22.95 18.68 4.33
N VAL B 61 24.02 18.33 5.00
CA VAL B 61 23.92 17.22 5.93
C VAL B 61 24.55 17.64 7.26
N GLY B 62 23.89 17.29 8.35
CA GLY B 62 24.35 17.65 9.68
C GLY B 62 25.54 16.82 10.14
N SER B 63 25.90 17.06 11.40
CA SER B 63 27.04 16.46 12.09
C SER B 63 27.07 14.95 11.90
N HIS B 64 28.17 14.43 11.35
CA HIS B 64 28.32 12.99 11.19
C HIS B 64 29.80 12.63 11.32
N PRO B 65 30.08 11.40 11.73
CA PRO B 65 31.45 11.01 11.91
C PRO B 65 32.02 10.23 10.72
N HIS B 66 33.34 10.17 10.65
CA HIS B 66 34.08 9.32 9.71
C HIS B 66 35.32 8.80 10.43
N ARG B 67 35.69 7.56 10.16
CA ARG B 67 36.96 7.02 10.66
C ARG B 67 37.48 5.96 9.69
N GLY B 68 38.78 6.02 9.40
CA GLY B 68 39.50 4.97 8.68
C GLY B 68 39.83 5.26 7.23
N PHE B 69 39.38 6.39 6.68
CA PHE B 69 39.53 6.62 5.25
C PHE B 69 39.54 8.12 4.94
N GLU B 70 39.46 8.45 3.68
CA GLU B 70 39.51 9.83 3.20
C GLU B 70 38.27 10.14 2.38
N THR B 71 37.80 11.40 2.42
CA THR B 71 36.65 11.81 1.57
C THR B 71 37.15 12.94 0.67
N VAL B 72 36.81 12.87 -0.60
CA VAL B 72 37.25 13.82 -1.60
C VAL B 72 35.99 14.44 -2.20
N THR B 73 35.87 15.74 -2.04
CA THR B 73 34.74 16.47 -2.55
C THR B 73 35.21 17.36 -3.70
N ILE B 74 34.61 17.12 -4.84
CA ILE B 74 34.94 17.85 -6.04
C ILE B 74 33.72 18.66 -6.46
N ALA B 75 33.84 19.99 -6.44
CA ALA B 75 32.75 20.87 -6.80
C ALA B 75 32.83 21.25 -8.28
N TYR B 76 31.73 21.03 -9.01
CA TYR B 76 31.63 21.40 -10.41
C TYR B 76 30.73 22.62 -10.58
N GLN B 77 29.61 22.63 -9.87
CA GLN B 77 28.67 23.77 -9.90
C GLN B 77 28.19 24.00 -8.47
N GLY B 78 28.13 25.27 -8.06
CA GLY B 78 27.75 25.61 -6.68
C GLY B 78 28.93 25.54 -5.72
N GLU B 79 28.63 25.59 -4.43
CA GLU B 79 29.64 25.67 -3.37
C GLU B 79 29.20 24.88 -2.15
N VAL B 80 30.18 24.31 -1.45
CA VAL B 80 29.96 23.56 -0.22
C VAL B 80 30.82 24.14 0.90
N THR B 81 30.20 24.41 2.03
CA THR B 81 30.92 24.83 3.22
C THR B 81 30.93 23.64 4.18
N HIS B 82 32.09 23.34 4.75
CA HIS B 82 32.18 22.22 5.71
C HIS B 82 32.81 22.74 7.00
N LYS B 83 32.38 22.17 8.11
CA LYS B 83 32.81 22.59 9.45
C LYS B 83 32.90 21.37 10.37
N ASP B 84 34.02 21.19 11.06
CA ASP B 84 34.17 20.05 11.96
C ASP B 84 33.81 20.48 13.41
N SER B 85 33.86 19.53 14.34
CA SER B 85 33.47 19.79 15.74
C SER B 85 34.40 20.81 16.41
N SER B 86 35.59 21.05 15.84
CA SER B 86 36.58 22.01 16.39
C SER B 86 36.49 23.39 15.72
N GLY B 87 35.57 23.59 14.79
CA GLY B 87 35.45 24.87 14.11
C GLY B 87 36.26 24.93 12.82
N GLY B 88 37.12 23.93 12.61
CA GLY B 88 37.91 23.85 11.38
C GLY B 88 37.00 23.60 10.18
N GLY B 89 37.60 23.57 8.98
CA GLY B 89 36.85 23.35 7.72
C GLY B 89 37.14 24.47 6.72
N GLY B 90 36.17 24.76 5.85
CA GLY B 90 36.32 25.81 4.83
C GLY B 90 35.20 25.77 3.80
N THR B 91 35.40 26.49 2.70
CA THR B 91 34.42 26.54 1.63
C THR B 91 35.06 26.05 0.32
N ILE B 92 34.38 25.11 -0.33
CA ILE B 92 34.78 24.53 -1.59
C ILE B 92 33.99 25.26 -2.67
N LYS B 93 34.68 26.07 -3.45
CA LYS B 93 34.01 26.77 -4.54
C LYS B 93 34.13 25.93 -5.82
N THR B 94 33.43 26.37 -6.84
CA THR B 94 33.43 25.71 -8.13
C THR B 94 34.87 25.57 -8.64
N GLY B 95 35.25 24.34 -8.99
CA GLY B 95 36.60 24.03 -9.47
C GLY B 95 37.55 23.63 -8.35
N ASP B 96 37.16 23.84 -7.08
CA ASP B 96 38.02 23.47 -5.96
C ASP B 96 37.78 21.98 -5.60
N VAL B 97 38.72 21.45 -4.83
CA VAL B 97 38.67 20.10 -4.30
C VAL B 97 39.06 20.15 -2.83
N GLN B 98 38.39 19.36 -2.03
CA GLN B 98 38.80 19.15 -0.64
C GLN B 98 39.15 17.66 -0.51
N TRP B 99 40.39 17.39 -0.19
CA TRP B 99 40.87 16.02 0.06
C TRP B 99 41.04 15.89 1.58
N THR B 101 41.37 13.83 5.07
CA THR B 101 41.75 12.58 5.70
C THR B 101 41.00 12.47 7.03
N ALA B 102 40.12 11.51 7.14
CA ALA B 102 39.39 11.30 8.42
C ALA B 102 40.31 10.57 9.39
N GLY B 103 40.94 9.51 8.89
CA GLY B 103 41.88 8.74 9.66
C GLY B 103 41.32 8.37 11.02
N ALA B 104 42.04 8.77 12.08
CA ALA B 104 41.66 8.47 13.47
C ALA B 104 40.23 8.96 13.78
N GLY B 105 39.75 9.96 13.06
CA GLY B 105 38.37 10.38 13.24
C GLY B 105 38.14 11.87 13.09
N VAL B 106 36.96 12.19 12.60
CA VAL B 106 36.51 13.54 12.48
C VAL B 106 34.98 13.51 12.58
N LEU B 107 34.44 14.59 13.08
CA LEU B 107 33.01 14.83 13.16
C LEU B 107 32.74 16.12 12.40
N HIS B 108 31.92 16.09 11.35
CA HIS B 108 31.73 17.30 10.61
C HIS B 108 30.35 17.39 9.94
N GLU B 109 30.09 18.59 9.43
N GLU B 109 30.09 18.58 9.41
CA GLU B 109 28.87 18.92 8.73
CA GLU B 109 28.87 18.90 8.71
C GLU B 109 29.27 19.46 7.34
C GLU B 109 29.25 19.48 7.35
N GLU B 110 28.38 19.26 6.36
CA GLU B 110 28.64 19.73 4.99
C GLU B 110 27.33 20.36 4.49
N PHE B 111 27.36 21.61 4.10
N PHE B 111 27.36 21.64 4.17
CA PHE B 111 26.15 22.26 3.62
CA PHE B 111 26.15 22.33 3.70
C PHE B 111 26.47 23.24 2.50
C PHE B 111 26.46 23.15 2.45
N HIS B 112 25.43 23.64 1.79
CA HIS B 112 25.60 24.60 0.72
C HIS B 112 26.20 25.85 1.34
N SER B 113 27.13 26.50 0.65
CA SER B 113 27.69 27.73 1.21
C SER B 113 26.58 28.79 1.34
N PRO B 114 26.71 29.73 2.29
CA PRO B 114 25.73 30.82 2.44
C PRO B 114 25.50 31.61 1.13
N GLU B 115 26.58 31.87 0.40
N GLU B 115 26.60 31.85 0.40
CA GLU B 115 26.46 32.62 -0.85
CA GLU B 115 26.57 32.60 -0.86
C GLU B 115 25.60 31.83 -1.84
C GLU B 115 25.71 31.85 -1.89
N PHE B 116 25.91 30.54 -2.01
CA PHE B 116 25.16 29.73 -2.94
C PHE B 116 23.69 29.59 -2.50
N ALA B 117 23.45 29.39 -1.22
CA ALA B 117 22.11 29.24 -0.70
C ALA B 117 21.25 30.47 -1.02
N GLU B 118 21.79 31.67 -0.82
CA GLU B 118 21.03 32.91 -1.06
C GLU B 118 20.61 33.04 -2.53
N HIS B 119 21.49 32.69 -3.46
CA HIS B 119 21.20 32.89 -4.89
C HIS B 119 20.59 31.63 -5.53
N GLY B 120 20.84 30.45 -4.99
CA GLY B 120 20.32 29.21 -5.61
C GLY B 120 20.96 28.96 -6.97
N GLY B 121 20.41 28.04 -7.73
CA GLY B 121 20.97 27.67 -9.03
C GLY B 121 21.44 26.23 -9.05
N LEU B 122 22.17 25.87 -10.11
CA LEU B 122 22.63 24.50 -10.30
C LEU B 122 23.77 24.14 -9.33
N PHE B 123 23.61 22.97 -8.76
CA PHE B 123 24.53 22.34 -7.85
C PHE B 123 24.98 21.02 -8.45
N GLU B 124 26.29 20.79 -8.51
CA GLU B 124 26.85 19.56 -9.11
C GLU B 124 28.19 19.28 -8.42
N VAL B 126 30.94 15.75 -6.89
CA VAL B 126 31.26 14.35 -6.69
C VAL B 126 31.87 14.22 -5.29
N GLN B 127 31.43 13.20 -4.55
CA GLN B 127 32.12 12.85 -3.33
C GLN B 127 32.66 11.42 -3.53
N LEU B 128 33.96 11.27 -3.31
CA LEU B 128 34.65 10.00 -3.48
C LEU B 128 35.24 9.58 -2.13
N TRP B 129 35.02 8.33 -1.71
CA TRP B 129 35.70 7.83 -0.50
C TRP B 129 36.91 6.99 -0.96
N VAL B 130 38.04 7.24 -0.35
CA VAL B 130 39.30 6.59 -0.68
C VAL B 130 39.79 5.90 0.59
N ASN B 131 40.02 4.59 0.50
CA ASN B 131 40.45 3.81 1.68
C ASN B 131 41.92 4.13 2.01
N LEU B 132 42.29 3.92 3.28
CA LEU B 132 43.67 4.08 3.74
C LEU B 132 44.27 2.70 4.03
N PRO B 133 45.56 2.58 3.80
CA PRO B 133 46.28 1.40 4.14
C PRO B 133 46.26 1.21 5.66
N SER B 134 46.35 -0.03 6.12
CA SER B 134 46.32 -0.32 7.55
C SER B 134 47.33 0.55 8.31
N HIS B 135 48.52 0.74 7.75
CA HIS B 135 49.57 1.49 8.50
C HIS B 135 49.18 2.96 8.73
N SER B 136 48.16 3.48 8.03
CA SER B 136 47.80 4.90 8.20
C SER B 136 46.33 5.10 8.56
N LYS B 137 45.59 4.04 8.88
CA LYS B 137 44.17 4.18 9.16
C LYS B 137 43.91 5.10 10.36
N THR B 139 45.86 7.61 11.25
CA THR B 139 46.62 8.85 11.09
C THR B 139 45.72 10.01 11.54
N PRO B 140 46.31 11.06 12.08
CA PRO B 140 45.49 12.19 12.50
C PRO B 140 44.65 12.79 11.36
N GLY B 141 43.43 13.20 11.66
CA GLY B 141 42.59 13.84 10.65
C GLY B 141 43.25 15.12 10.13
N LYS B 142 43.06 15.43 8.86
CA LYS B 142 43.66 16.64 8.29
C LYS B 142 42.92 17.02 7.00
N TYR B 143 43.13 18.24 6.57
CA TYR B 143 42.50 18.79 5.38
C TYR B 143 43.52 19.20 4.34
N GLN B 144 43.13 19.03 3.07
CA GLN B 144 43.86 19.56 1.95
C GLN B 144 42.85 20.37 1.12
N ALA B 145 42.85 21.68 1.34
CA ALA B 145 41.95 22.51 0.60
C ALA B 145 42.68 22.90 -0.68
N ILE B 146 42.22 22.42 -1.81
CA ILE B 146 42.91 22.71 -3.07
C ILE B 146 42.05 23.66 -3.91
N GLU B 147 42.61 24.83 -4.21
CA GLU B 147 41.92 25.80 -5.03
C GLU B 147 42.06 25.41 -6.51
N ALA B 148 41.04 25.75 -7.29
CA ALA B 148 40.96 25.42 -8.72
C ALA B 148 42.26 25.78 -9.45
N LYS B 149 42.81 26.96 -9.17
CA LYS B 149 43.99 27.47 -9.89
C LYS B 149 45.23 26.59 -9.64
N ASP B 150 45.26 25.81 -8.57
CA ASP B 150 46.45 25.03 -8.25
C ASP B 150 46.33 23.58 -8.76
N ILE B 151 45.27 23.25 -9.49
CA ILE B 151 45.16 21.89 -9.98
C ILE B 151 45.74 21.84 -11.39
N PRO B 152 46.78 20.99 -11.61
CA PRO B 152 47.38 20.92 -12.95
C PRO B 152 46.32 20.47 -13.96
N ASP B 153 46.15 21.25 -15.03
CA ASP B 153 45.15 21.04 -16.08
C ASP B 153 45.89 20.81 -17.41
N ILE B 154 45.69 19.65 -17.99
CA ILE B 154 46.41 19.25 -19.18
C ILE B 154 45.46 19.28 -20.40
N ALA B 155 45.84 20.04 -21.40
CA ALA B 155 45.10 20.06 -22.65
C ALA B 155 45.37 18.74 -23.39
N LEU B 156 44.35 17.94 -23.62
CA LEU B 156 44.54 16.66 -24.29
C LEU B 156 44.58 16.87 -25.81
N ASP B 157 43.87 17.89 -26.26
CA ASP B 157 43.84 18.24 -27.66
C ASP B 157 43.64 19.75 -27.75
N GLU B 158 43.60 20.25 -28.98
CA GLU B 158 43.41 21.66 -29.24
C GLU B 158 41.91 21.93 -29.48
N HIS B 159 41.04 20.99 -29.12
CA HIS B 159 39.60 21.11 -29.38
C HIS B 159 38.80 21.32 -28.09
N GLY B 160 39.44 21.41 -26.92
CA GLY B 160 38.69 21.61 -25.69
C GLY B 160 38.78 20.42 -24.74
N SER B 161 39.34 19.29 -25.17
CA SER B 161 39.48 18.15 -24.25
C SER B 161 40.56 18.47 -23.20
N HIS B 162 40.32 18.14 -21.94
CA HIS B 162 41.34 18.42 -20.92
C HIS B 162 41.23 17.41 -19.78
N LEU B 163 42.30 17.33 -19.00
CA LEU B 163 42.37 16.43 -17.88
C LEU B 163 43.02 17.18 -16.70
N ARG B 164 42.40 17.09 -15.52
CA ARG B 164 42.91 17.69 -14.28
C ARG B 164 43.52 16.56 -13.43
N VAL B 165 44.73 16.75 -12.93
CA VAL B 165 45.38 15.77 -12.12
C VAL B 165 45.15 16.14 -10.66
N ILE B 166 44.08 15.61 -10.10
CA ILE B 166 43.73 15.88 -8.71
C ILE B 166 44.69 15.13 -7.79
N ALA B 167 44.99 13.88 -8.13
CA ALA B 167 45.94 13.08 -7.39
C ALA B 167 46.69 12.17 -8.37
N GLY B 168 47.93 11.86 -8.02
CA GLY B 168 48.75 10.93 -8.78
C GLY B 168 49.70 11.62 -9.73
N GLU B 169 49.79 11.07 -10.92
CA GLU B 169 50.70 11.62 -11.88
C GLU B 169 50.19 11.35 -13.30
N TYR B 170 50.27 12.36 -14.14
CA TYR B 170 49.89 12.21 -15.52
C TYR B 170 50.88 12.94 -16.42
N ALA B 171 51.59 12.19 -17.25
CA ALA B 171 52.57 12.75 -18.20
C ALA B 171 53.44 13.83 -17.55
N ASP B 172 54.11 13.50 -16.45
CA ASP B 172 55.06 14.43 -15.79
C ASP B 172 54.34 15.47 -14.91
N ALA B 173 53.01 15.60 -14.99
CA ALA B 173 52.32 16.54 -14.11
C ALA B 173 51.97 15.83 -12.80
N LYS B 174 52.34 16.42 -11.67
CA LYS B 174 52.10 15.80 -10.38
C LYS B 174 50.77 16.31 -9.81
N GLY B 175 50.07 15.41 -9.11
CA GLY B 175 48.77 15.70 -8.55
C GLY B 175 48.81 16.76 -7.49
N ALA B 176 47.70 17.46 -7.34
CA ALA B 176 47.57 18.52 -6.37
C ALA B 176 47.43 17.95 -4.95
N ALA B 177 46.81 16.78 -4.80
CA ALA B 177 46.59 16.22 -3.47
C ALA B 177 47.65 15.14 -3.17
N THR B 178 48.13 15.10 -1.94
CA THR B 178 49.02 14.03 -1.53
C THR B 178 48.14 12.84 -1.10
N THR B 179 48.69 11.63 -1.16
CA THR B 179 47.97 10.41 -0.85
C THR B 179 48.83 9.50 0.03
N PHE B 180 48.20 8.49 0.62
CA PHE B 180 48.91 7.55 1.50
C PHE B 180 49.25 6.25 0.78
N SER B 181 48.75 6.07 -0.43
CA SER B 181 49.09 4.90 -1.25
C SER B 181 49.10 5.33 -2.71
N PRO B 182 49.72 4.55 -3.60
CA PRO B 182 49.82 5.00 -5.02
C PRO B 182 48.45 4.96 -5.70
N LEU B 183 47.97 6.13 -6.17
CA LEU B 183 46.65 6.18 -6.82
C LEU B 183 46.55 7.46 -7.64
N ASN B 184 45.68 7.41 -8.64
CA ASN B 184 45.38 8.52 -9.51
C ASN B 184 43.89 8.88 -9.44
N VAL B 185 43.63 10.18 -9.39
CA VAL B 185 42.27 10.71 -9.51
C VAL B 185 42.38 11.82 -10.56
N TRP B 186 41.85 11.52 -11.74
CA TRP B 186 41.88 12.43 -12.86
C TRP B 186 40.44 12.78 -13.26
N ASP B 187 40.19 14.03 -13.60
CA ASP B 187 38.86 14.32 -14.09
C ASP B 187 39.00 15.21 -15.32
N GLY B 188 37.94 15.33 -16.07
CA GLY B 188 38.05 16.20 -17.21
C GLY B 188 36.89 16.10 -18.16
N LYS B 189 37.17 16.58 -19.37
CA LYS B 189 36.21 16.63 -20.40
C LYS B 189 36.83 16.15 -21.71
N LEU B 190 36.10 15.30 -22.40
N LEU B 190 36.11 15.30 -22.44
CA LEU B 190 36.48 14.84 -23.73
CA LEU B 190 36.56 14.83 -23.74
C LEU B 190 35.46 15.43 -24.71
C LEU B 190 35.51 15.30 -24.76
N VAL B 191 35.95 16.07 -25.76
CA VAL B 191 35.04 16.66 -26.73
C VAL B 191 34.76 15.63 -27.83
N LYS B 192 33.53 15.70 -28.32
CA LYS B 192 32.97 14.87 -29.37
C LYS B 192 33.93 14.75 -30.55
N GLY B 193 34.10 13.52 -31.02
CA GLY B 193 34.95 13.24 -32.18
C GLY B 193 36.42 13.15 -31.83
N GLN B 194 36.79 13.16 -30.55
CA GLN B 194 38.22 13.09 -30.19
C GLN B 194 38.51 11.76 -29.46
N LYS B 195 39.68 11.18 -29.79
CA LYS B 195 40.16 9.89 -29.23
C LYS B 195 41.45 10.09 -28.44
N HIS B 196 41.53 9.50 -27.25
N HIS B 196 41.53 9.54 -27.23
CA HIS B 196 42.69 9.68 -26.38
CA HIS B 196 42.74 9.69 -26.44
C HIS B 196 43.10 8.36 -25.72
C HIS B 196 43.10 8.38 -25.73
N THR B 197 44.40 8.09 -25.73
CA THR B 197 44.94 6.91 -25.08
C THR B 197 45.50 7.32 -23.72
N LEU B 198 45.10 6.61 -22.66
N LEU B 198 45.10 6.59 -22.67
CA LEU B 198 45.60 6.87 -21.32
CA LEU B 198 45.57 6.84 -21.31
C LEU B 198 46.42 5.67 -20.85
C LEU B 198 46.44 5.66 -20.86
N TYR B 199 47.50 6.00 -20.10
CA TYR B 199 48.40 4.99 -19.57
C TYR B 199 48.27 4.95 -18.07
N VAL B 200 48.13 3.74 -17.54
CA VAL B 200 47.90 3.50 -16.14
C VAL B 200 48.92 2.47 -15.65
N PRO B 201 49.41 2.63 -14.42
CA PRO B 201 50.39 1.67 -13.92
C PRO B 201 49.85 0.23 -13.93
N GLU B 202 50.72 -0.68 -14.33
CA GLU B 202 50.41 -2.09 -14.42
C GLU B 202 49.92 -2.59 -13.05
N GLY B 203 48.85 -3.38 -13.05
CA GLY B 203 48.34 -3.97 -11.81
C GLY B 203 47.36 -3.06 -11.07
N HIS B 204 47.22 -1.81 -11.47
CA HIS B 204 46.31 -0.91 -10.76
C HIS B 204 44.84 -1.21 -11.08
N THR B 205 44.02 -1.09 -10.05
CA THR B 205 42.59 -1.00 -10.21
C THR B 205 42.33 0.17 -11.15
N THR B 206 41.43 0.02 -12.11
CA THR B 206 41.18 1.09 -13.07
C THR B 206 39.68 1.23 -13.27
N LEU B 207 39.13 2.35 -12.84
CA LEU B 207 37.72 2.65 -12.96
C LEU B 207 37.53 3.84 -13.91
N VAL B 208 36.67 3.71 -14.90
CA VAL B 208 36.34 4.82 -15.80
C VAL B 208 34.92 5.24 -15.45
N VAL B 209 34.78 6.45 -14.94
CA VAL B 209 33.48 6.96 -14.56
C VAL B 209 33.00 7.99 -15.59
N VAL B 210 31.87 7.73 -16.21
CA VAL B 210 31.27 8.67 -17.12
C VAL B 210 30.14 9.37 -16.36
N LEU B 211 30.35 10.63 -16.04
CA LEU B 211 29.33 11.42 -15.33
C LEU B 211 28.20 11.81 -16.26
N GLU B 212 28.56 12.28 -17.45
CA GLU B 212 27.59 12.76 -18.40
C GLU B 212 28.19 12.60 -19.80
N GLY B 213 27.40 12.19 -20.76
CA GLY B 213 27.89 12.08 -22.15
C GLY B 213 27.91 10.64 -22.65
N ALA B 214 28.82 10.36 -23.57
CA ALA B 214 28.90 9.06 -24.19
C ALA B 214 30.30 8.86 -24.74
N VAL B 215 30.93 7.76 -24.37
CA VAL B 215 32.29 7.54 -24.75
C VAL B 215 32.49 6.03 -25.01
N VAL B 216 33.37 5.74 -25.97
CA VAL B 216 33.68 4.38 -26.39
C VAL B 216 35.05 3.99 -25.84
N VAL B 217 35.11 2.87 -25.12
CA VAL B 217 36.33 2.38 -24.50
C VAL B 217 36.94 1.28 -25.38
N ASN B 218 38.22 1.44 -25.69
CA ASN B 218 38.97 0.46 -26.48
C ASN B 218 38.21 0.08 -27.76
N ASP B 219 37.58 1.07 -28.39
CA ASP B 219 36.92 0.93 -29.69
C ASP B 219 35.72 -0.03 -29.69
N THR B 220 35.29 -0.60 -28.57
CA THR B 220 34.20 -1.56 -28.73
C THR B 220 33.12 -1.45 -27.65
N ASN B 221 33.38 -0.79 -26.53
CA ASN B 221 32.35 -0.74 -25.48
C ASN B 221 31.95 0.71 -25.22
N ARG B 222 30.72 1.03 -25.51
CA ARG B 222 30.21 2.38 -25.32
C ARG B 222 29.60 2.53 -23.92
N LEU B 223 29.89 3.65 -23.27
CA LEU B 223 29.38 3.96 -21.93
C LEU B 223 28.58 5.27 -21.99
N GLU B 224 27.47 5.29 -21.28
CA GLU B 224 26.60 6.46 -21.16
C GLU B 224 26.83 7.11 -19.79
N GLY B 225 26.07 8.15 -19.51
CA GLY B 225 26.20 8.89 -18.26
C GLY B 225 25.78 8.08 -17.05
N LYS B 226 26.33 8.46 -15.91
CA LYS B 226 26.07 7.86 -14.62
C LYS B 226 26.51 6.40 -14.64
N THR B 227 27.65 6.15 -15.29
CA THR B 227 28.15 4.80 -15.44
C THR B 227 29.57 4.70 -14.91
N VAL B 228 29.88 3.54 -14.32
CA VAL B 228 31.27 3.21 -13.95
C VAL B 228 31.64 1.91 -14.68
N ALA B 229 32.78 1.93 -15.39
CA ALA B 229 33.32 0.75 -16.07
C ALA B 229 34.55 0.28 -15.28
N ILE B 230 34.67 -1.03 -15.12
CA ILE B 230 35.81 -1.62 -14.45
C ILE B 230 36.69 -2.26 -15.52
N LEU B 231 37.96 -1.85 -15.57
CA LEU B 231 38.91 -2.42 -16.54
C LEU B 231 39.86 -3.35 -15.77
N SER B 232 40.52 -4.25 -16.48
CA SER B 232 41.36 -5.24 -15.84
C SER B 232 42.57 -4.59 -15.16
N ARG B 233 43.01 -5.22 -14.08
CA ARG B 233 44.22 -4.76 -13.42
C ARG B 233 45.43 -5.07 -14.33
N GLU B 234 45.36 -6.15 -15.10
N GLU B 234 45.37 -6.16 -15.09
CA GLU B 234 46.43 -6.48 -16.04
CA GLU B 234 46.45 -6.45 -16.03
C GLU B 234 46.38 -5.52 -17.23
C GLU B 234 46.38 -5.43 -17.17
N GLY B 235 47.55 -5.00 -17.64
CA GLY B 235 47.64 -4.06 -18.75
C GLY B 235 47.97 -2.66 -18.27
N VAL B 236 48.29 -1.78 -19.22
CA VAL B 236 48.73 -0.45 -18.89
C VAL B 236 48.02 0.61 -19.73
N GLU B 237 47.23 0.23 -20.74
CA GLU B 237 46.70 1.27 -21.58
C GLU B 237 45.25 0.97 -21.98
N PHE B 238 44.53 2.03 -22.28
CA PHE B 238 43.17 1.95 -22.79
C PHE B 238 42.86 3.27 -23.50
N SER B 239 41.85 3.24 -24.37
CA SER B 239 41.47 4.42 -25.12
C SER B 239 40.03 4.82 -24.81
N LEU B 240 39.78 6.11 -24.96
CA LEU B 240 38.46 6.69 -24.85
C LEU B 240 38.21 7.50 -26.12
N ASN B 241 37.05 7.32 -26.73
CA ASN B 241 36.68 8.07 -27.92
C ASN B 241 35.28 8.66 -27.68
N ALA B 242 35.18 9.97 -27.59
CA ALA B 242 33.90 10.59 -27.24
C ALA B 242 32.96 10.70 -28.45
N GLU B 243 31.75 10.19 -28.29
CA GLU B 243 30.67 10.31 -29.29
C GLU B 243 29.86 11.58 -29.00
N GLU B 244 29.99 12.08 -27.77
CA GLU B 244 29.34 13.34 -27.30
C GLU B 244 30.29 14.01 -26.32
N ASP B 245 30.10 15.29 -26.03
CA ASP B 245 30.92 15.94 -25.03
C ASP B 245 30.73 15.13 -23.74
N THR B 246 31.82 14.71 -23.12
CA THR B 246 31.74 13.79 -22.00
C THR B 246 32.51 14.29 -20.78
N LYS B 247 31.85 14.30 -19.64
N LYS B 247 31.86 14.24 -19.63
CA LYS B 247 32.49 14.61 -18.38
CA LYS B 247 32.49 14.60 -18.38
C LYS B 247 32.90 13.27 -17.76
C LYS B 247 32.87 13.30 -17.68
N PHE B 248 34.16 13.11 -17.40
CA PHE B 248 34.59 11.84 -16.89
C PHE B 248 35.53 11.94 -15.70
N LEU B 249 35.65 10.83 -14.99
N LEU B 249 35.75 10.79 -15.08
CA LEU B 249 36.73 10.67 -14.06
CA LEU B 249 36.60 10.65 -13.92
C LEU B 249 37.42 9.36 -14.44
C LEU B 249 37.35 9.31 -14.05
N VAL B 250 38.69 9.35 -14.12
CA VAL B 250 39.49 8.11 -14.20
C VAL B 250 40.11 7.94 -12.82
N LEU B 251 39.84 6.78 -12.20
CA LEU B 251 40.32 6.48 -10.88
C LEU B 251 41.19 5.24 -10.96
N THR B 252 42.44 5.33 -10.51
CA THR B 252 43.31 4.14 -10.53
C THR B 252 44.05 4.01 -9.21
N GLY B 253 44.39 2.80 -8.82
CA GLY B 253 45.21 2.69 -7.65
C GLY B 253 45.73 1.28 -7.42
N GLN B 254 46.83 1.23 -6.72
CA GLN B 254 47.41 -0.03 -6.30
C GLN B 254 46.45 -0.61 -5.25
N PRO B 255 45.90 -1.80 -5.50
CA PRO B 255 44.95 -2.39 -4.56
C PRO B 255 45.60 -2.51 -3.18
N LEU B 256 44.86 -2.26 -2.12
CA LEU B 256 45.46 -2.31 -0.77
C LEU B 256 45.71 -3.77 -0.31
N ASN B 257 44.96 -4.75 -0.83
N ASN B 257 44.94 -4.72 -0.84
CA ASN B 257 45.17 -6.17 -0.48
CA ASN B 257 45.08 -6.15 -0.50
C ASN B 257 45.01 -6.36 1.04
C ASN B 257 45.01 -6.34 1.02
N GLU B 258 44.09 -5.61 1.65
CA GLU B 258 43.85 -5.70 3.10
C GLU B 258 42.34 -5.82 3.31
N PRO B 259 41.93 -6.34 4.47
CA PRO B 259 40.51 -6.54 4.71
C PRO B 259 39.72 -5.23 4.76
N ILE B 260 38.45 -5.31 4.37
CA ILE B 260 37.53 -4.19 4.44
C ILE B 260 36.39 -4.58 5.38
N GLU B 261 36.31 -3.91 6.52
N GLU B 261 36.31 -3.89 6.52
CA GLU B 261 35.21 -4.09 7.46
CA GLU B 261 35.19 -4.10 7.44
C GLU B 261 34.59 -2.72 7.69
C GLU B 261 34.57 -2.73 7.70
N GLY B 262 33.47 -2.47 7.02
CA GLY B 262 32.79 -1.21 7.09
C GLY B 262 31.44 -1.31 7.77
N TYR B 263 31.07 -0.22 8.39
CA TYR B 263 29.80 -0.06 9.03
C TYR B 263 29.45 1.41 8.90
N GLY B 264 28.50 1.71 8.03
CA GLY B 264 28.12 3.09 7.76
C GLY B 264 29.33 3.94 7.36
N PRO B 265 29.58 5.00 8.12
CA PRO B 265 30.69 5.95 7.86
C PRO B 265 32.03 5.55 8.50
N PHE B 266 32.13 4.31 8.95
CA PHE B 266 33.36 3.80 9.49
C PHE B 266 33.86 2.67 8.58
N VAL B 267 35.10 2.75 8.14
CA VAL B 267 35.65 1.68 7.33
C VAL B 267 37.00 1.30 7.94
N ASN B 269 39.67 -2.29 9.22
CA ASN B 269 40.17 -3.56 8.72
C ASN B 269 39.57 -4.75 9.48
N THR B 270 39.15 -4.55 10.75
CA THR B 270 38.65 -5.65 11.57
C THR B 270 37.31 -5.29 12.23
N LYS B 271 36.51 -6.31 12.57
CA LYS B 271 35.24 -6.09 13.28
C LYS B 271 35.52 -5.51 14.67
N ALA B 272 36.63 -5.90 15.28
CA ALA B 272 37.01 -5.32 16.59
C ALA B 272 37.13 -3.80 16.47
N GLU B 273 37.79 -3.32 15.41
CA GLU B 273 37.97 -1.89 15.15
C GLU B 273 36.61 -1.21 14.94
N ILE B 274 35.70 -1.89 14.24
CA ILE B 274 34.36 -1.33 14.04
C ILE B 274 33.67 -1.18 15.40
N GLU B 276 35.09 -0.74 18.25
CA GLU B 276 35.75 0.40 18.94
C GLU B 276 35.25 1.73 18.36
N ALA B 277 35.03 1.81 17.04
CA ALA B 277 34.55 3.05 16.42
C ALA B 277 33.12 3.37 16.91
N ILE B 278 32.26 2.36 16.90
CA ILE B 278 30.88 2.49 17.36
C ILE B 278 30.87 2.96 18.83
N ASN B 279 31.68 2.33 19.67
CA ASN B 279 31.73 2.69 21.09
C ASN B 279 32.26 4.13 21.27
N ASP B 280 33.34 4.48 20.58
CA ASP B 280 33.91 5.83 20.66
C ASP B 280 32.88 6.88 20.23
N PHE B 281 32.15 6.60 19.16
CA PHE B 281 31.21 7.57 18.66
C PHE B 281 30.00 7.69 19.59
N ASN B 282 29.49 6.55 20.06
CA ASN B 282 28.24 6.55 20.87
C ASN B 282 28.51 7.11 22.28
N ARG B 283 29.71 6.96 22.80
N ARG B 283 29.73 6.98 22.79
CA ARG B 283 30.07 7.52 24.10
CA ARG B 283 30.07 7.57 24.10
C ARG B 283 30.40 9.01 24.00
C ARG B 283 30.69 8.96 23.90
N GLY B 284 30.32 9.59 22.79
CA GLY B 284 30.65 11.01 22.55
C GLY B 284 32.13 11.35 22.45
N LYS B 285 33.01 10.37 22.18
CA LYS B 285 34.46 10.70 22.12
C LYS B 285 34.85 11.31 20.76
N PHE B 286 33.92 11.56 19.83
CA PHE B 286 34.32 12.28 18.58
C PHE B 286 34.12 13.80 18.77
N GLY B 287 33.32 14.25 19.77
CA GLY B 287 33.13 15.70 20.04
C GLY B 287 31.75 16.22 19.64
N SER B 288 31.67 17.51 19.27
CA SER B 288 30.38 18.08 18.85
C SER B 288 30.61 19.38 18.04
N ILE B 289 29.78 19.61 17.02
CA ILE B 289 29.90 20.82 16.20
C ILE B 289 29.52 22.03 17.05
N ALA C 3 -3.20 15.08 -9.12
CA ALA C 3 -3.96 14.24 -10.10
C ALA C 3 -5.29 13.78 -9.48
N LYS C 5 -8.67 11.74 -8.92
CA LYS C 5 -9.17 10.37 -9.00
C LYS C 5 -10.42 10.43 -9.87
N LYS C 6 -10.57 9.50 -10.80
N LYS C 6 -10.57 9.49 -10.78
CA LYS C 6 -11.71 9.49 -11.72
CA LYS C 6 -11.72 9.51 -11.68
C LYS C 6 -12.90 8.73 -11.13
C LYS C 6 -12.90 8.74 -11.10
N PHE C 7 -14.10 9.27 -11.32
CA PHE C 7 -15.33 8.60 -10.92
C PHE C 7 -15.53 7.40 -11.87
N LEU C 8 -15.63 6.17 -11.35
CA LEU C 8 -15.75 4.99 -12.22
C LEU C 8 -17.20 4.49 -12.28
N GLY C 9 -17.93 4.61 -11.19
CA GLY C 9 -19.30 4.09 -11.17
C GLY C 9 -19.93 4.23 -9.80
N ALA C 10 -21.24 3.96 -9.71
CA ALA C 10 -21.94 4.09 -8.46
C ALA C 10 -23.12 3.14 -8.39
N TYR C 11 -23.43 2.72 -7.17
N TYR C 11 -23.42 2.68 -7.19
CA TYR C 11 -24.49 1.78 -6.86
CA TYR C 11 -24.57 1.85 -6.95
C TYR C 11 -25.44 2.42 -5.83
C TYR C 11 -25.43 2.50 -5.87
N GLN C 12 -26.72 2.55 -6.14
CA GLN C 12 -27.71 3.10 -5.22
C GLN C 12 -28.67 1.98 -4.83
N ASN C 13 -28.91 1.80 -3.53
CA ASN C 13 -29.84 0.75 -3.08
C ASN C 13 -31.01 1.39 -2.33
N ASN C 14 -32.21 1.10 -2.77
CA ASN C 14 -33.41 1.63 -2.12
C ASN C 14 -34.22 0.46 -1.56
N HIS C 15 -33.63 -0.73 -1.46
CA HIS C 15 -34.32 -1.91 -0.97
C HIS C 15 -33.80 -2.28 0.42
N HIS C 17 -33.76 -4.49 3.98
CA HIS C 17 -33.97 -5.84 4.48
C HIS C 17 -33.61 -5.83 5.96
N TRP C 18 -34.17 -6.78 6.68
CA TRP C 18 -33.97 -6.88 8.11
C TRP C 18 -32.84 -7.85 8.44
N VAL C 19 -31.97 -7.44 9.35
CA VAL C 19 -31.02 -8.32 9.99
C VAL C 19 -31.59 -8.53 11.39
N GLY C 20 -32.06 -9.74 11.66
CA GLY C 20 -32.78 -10.02 12.90
C GLY C 20 -34.05 -9.19 12.94
N ASP C 21 -34.44 -8.70 14.11
CA ASP C 21 -35.62 -7.84 14.18
C ASP C 21 -35.22 -6.45 14.69
N GLY C 22 -33.94 -6.11 14.64
CA GLY C 22 -33.53 -4.79 15.14
C GLY C 22 -32.76 -3.93 14.14
N PHE C 23 -32.38 -4.49 13.01
CA PHE C 23 -31.55 -3.72 12.08
C PHE C 23 -32.17 -3.69 10.68
N PRO C 24 -32.94 -2.63 10.39
CA PRO C 24 -33.59 -2.41 9.09
C PRO C 24 -32.55 -1.69 8.22
N VAL C 25 -31.88 -2.48 7.36
CA VAL C 25 -30.70 -1.95 6.67
C VAL C 25 -30.81 -2.02 5.14
N TYR C 26 -30.07 -1.11 4.55
CA TYR C 26 -29.85 -1.03 3.12
C TYR C 26 -28.41 -1.46 2.88
N ASN C 27 -28.22 -2.57 2.18
CA ASN C 27 -26.89 -3.04 1.88
C ASN C 27 -26.33 -2.18 0.75
N LEU C 28 -25.27 -1.43 1.00
CA LEU C 28 -24.73 -0.55 -0.02
C LEU C 28 -23.62 -1.25 -0.82
N PHE C 29 -22.92 -2.23 -0.24
CA PHE C 29 -21.99 -3.02 -1.04
C PHE C 29 -21.66 -4.29 -0.27
N SER C 30 -21.22 -5.26 -1.04
CA SER C 30 -20.81 -6.54 -0.52
C SER C 30 -19.68 -7.10 -1.41
N TYR C 31 -18.77 -7.84 -0.80
CA TYR C 31 -17.65 -8.47 -1.53
C TYR C 31 -18.16 -9.56 -2.48
N ASP C 32 -19.34 -10.08 -2.18
N ASP C 32 -19.37 -10.06 -2.24
CA ASP C 32 -19.93 -11.12 -2.98
CA ASP C 32 -19.92 -11.14 -3.08
C ASP C 32 -20.10 -10.62 -4.41
C ASP C 32 -20.49 -10.55 -4.38
N ARG C 33 -20.59 -9.38 -4.57
N ARG C 33 -20.45 -9.23 -4.53
CA ARG C 33 -20.80 -8.82 -5.90
CA ARG C 33 -20.95 -8.62 -5.76
C ARG C 33 -19.51 -8.20 -6.46
C ARG C 33 -19.79 -7.87 -6.48
N LEU C 34 -18.88 -7.28 -5.71
CA LEU C 34 -17.74 -6.49 -6.31
C LEU C 34 -16.33 -7.02 -5.98
N GLY C 35 -16.19 -7.97 -5.05
CA GLY C 35 -14.90 -8.66 -4.81
C GLY C 35 -13.72 -7.78 -4.45
N GLN C 36 -12.63 -7.96 -5.23
CA GLN C 36 -11.35 -7.29 -5.04
C GLN C 36 -11.44 -5.78 -5.31
N THR C 37 -12.45 -5.35 -6.03
CA THR C 37 -12.62 -3.91 -6.28
C THR C 37 -12.73 -3.12 -4.97
N LEU C 38 -13.34 -3.72 -3.96
CA LEU C 38 -13.62 -3.03 -2.68
C LEU C 38 -12.47 -3.15 -1.68
N SER C 39 -11.51 -4.03 -1.91
CA SER C 39 -10.49 -4.34 -0.93
C SER C 39 -9.88 -3.05 -0.39
N PRO C 40 -9.74 -2.91 0.94
CA PRO C 40 -10.01 -3.97 1.93
C PRO C 40 -11.42 -4.08 2.55
N PHE C 41 -12.39 -3.35 2.00
CA PHE C 41 -13.73 -3.32 2.55
C PHE C 41 -14.52 -4.52 2.02
N LEU C 42 -15.40 -5.05 2.85
CA LEU C 42 -16.12 -6.28 2.52
C LEU C 42 -17.63 -6.06 2.44
N LEU C 43 -18.19 -5.18 3.27
N LEU C 43 -18.14 -5.24 3.35
CA LEU C 43 -19.64 -5.01 3.31
CA LEU C 43 -19.55 -5.06 3.49
C LEU C 43 -19.98 -3.72 4.04
C LEU C 43 -19.83 -3.72 4.14
N LEU C 44 -21.05 -3.07 3.59
N LEU C 44 -20.93 -3.12 3.73
CA LEU C 44 -21.54 -1.87 4.22
CA LEU C 44 -21.48 -1.95 4.36
C LEU C 44 -23.06 -1.95 4.29
C LEU C 44 -23.00 -2.04 4.33
N ASP C 45 -23.61 -1.94 5.51
CA ASP C 45 -25.06 -1.92 5.71
C ASP C 45 -25.40 -0.61 6.41
N TYR C 46 -26.42 0.07 5.91
CA TYR C 46 -26.84 1.32 6.47
C TYR C 46 -28.29 1.22 6.97
N ALA C 47 -28.44 1.35 8.28
CA ALA C 47 -29.78 1.46 8.88
C ALA C 47 -30.19 2.93 8.84
N ALA C 48 -30.94 3.30 7.80
CA ALA C 48 -31.42 4.66 7.69
C ALA C 48 -32.37 4.92 8.86
N PRO C 49 -32.59 6.19 9.23
CA PRO C 49 -33.40 6.53 10.41
C PRO C 49 -34.74 5.75 10.39
N TYR C 50 -34.96 5.00 11.44
CA TYR C 50 -36.14 4.16 11.54
C TYR C 50 -36.69 4.30 12.97
N ASN C 51 -37.98 4.55 13.10
CA ASN C 51 -38.51 4.78 14.43
C ASN C 51 -38.98 3.48 15.07
N PHE C 52 -38.45 3.18 16.25
CA PHE C 52 -38.89 2.03 17.02
C PHE C 52 -39.71 2.49 18.22
N SER C 53 -40.84 1.85 18.45
N SER C 53 -40.84 1.84 18.46
CA SER C 53 -41.66 2.20 19.61
CA SER C 53 -41.66 2.18 19.62
C SER C 53 -41.03 1.57 20.86
C SER C 53 -41.00 1.58 20.86
N PRO C 54 -41.28 2.15 22.04
CA PRO C 54 -40.74 1.64 23.31
C PRO C 54 -41.12 0.17 23.52
N THR C 55 -40.22 -0.62 24.10
CA THR C 55 -40.47 -2.05 24.28
C THR C 55 -39.56 -2.62 25.37
N THR C 56 -40.02 -3.70 26.01
CA THR C 56 -39.24 -4.42 26.99
C THR C 56 -38.56 -5.62 26.32
N GLU C 57 -38.90 -5.87 25.06
CA GLU C 57 -38.29 -6.97 24.32
C GLU C 57 -36.89 -6.55 23.85
N GLN C 58 -36.05 -7.55 23.62
CA GLN C 58 -34.71 -7.35 23.10
C GLN C 58 -34.73 -7.55 21.57
N GLN C 59 -34.55 -6.44 20.84
CA GLN C 59 -34.59 -6.44 19.38
C GLN C 59 -33.18 -6.27 18.81
N GLY C 60 -32.85 -7.17 17.88
CA GLY C 60 -31.55 -7.20 17.25
C GLY C 60 -31.32 -8.56 16.60
N VAL C 61 -30.13 -9.12 16.77
CA VAL C 61 -29.84 -10.42 16.17
C VAL C 61 -29.22 -11.31 17.25
N GLY C 62 -29.50 -12.59 17.17
CA GLY C 62 -28.99 -13.55 18.14
C GLY C 62 -27.52 -13.89 17.93
N SER C 63 -27.02 -14.73 18.84
CA SER C 63 -25.63 -15.20 18.84
C SER C 63 -25.19 -15.71 17.47
N HIS C 64 -24.06 -15.22 16.98
CA HIS C 64 -23.52 -15.65 15.69
C HIS C 64 -22.00 -15.49 15.71
N PRO C 65 -21.29 -16.31 14.93
CA PRO C 65 -19.85 -16.25 14.93
C PRO C 65 -19.27 -15.33 13.84
N HIS C 66 -18.02 -14.90 14.05
CA HIS C 66 -17.27 -14.20 13.02
C HIS C 66 -15.82 -14.70 13.05
N ARG C 67 -15.19 -14.80 11.88
CA ARG C 67 -13.78 -15.16 11.79
C ARG C 67 -13.16 -14.52 10.55
N GLY C 68 -12.00 -13.91 10.76
CA GLY C 68 -11.14 -13.49 9.67
C GLY C 68 -11.18 -12.04 9.28
N PHE C 69 -12.00 -11.22 9.93
CA PHE C 69 -12.14 -9.83 9.52
C PHE C 69 -12.58 -9.00 10.73
N GLU C 70 -12.91 -7.74 10.47
CA GLU C 70 -13.32 -6.83 11.50
C GLU C 70 -14.70 -6.26 11.19
N THR C 71 -15.49 -5.94 12.23
CA THR C 71 -16.76 -5.27 12.04
C THR C 71 -16.68 -3.92 12.77
N VAL C 72 -17.14 -2.89 12.09
CA VAL C 72 -17.13 -1.54 12.60
C VAL C 72 -18.58 -1.06 12.71
N THR C 73 -19.01 -0.73 13.92
CA THR C 73 -20.37 -0.24 14.15
C THR C 73 -20.30 1.25 14.53
N ILE C 74 -21.05 2.05 13.78
CA ILE C 74 -21.09 3.47 13.93
C ILE C 74 -22.53 3.86 14.27
N ALA C 75 -22.76 4.33 15.48
CA ALA C 75 -24.10 4.72 15.92
C ALA C 75 -24.34 6.20 15.66
N TYR C 76 -25.43 6.51 14.94
CA TYR C 76 -25.78 7.92 14.66
C TYR C 76 -26.97 8.38 15.51
N GLN C 77 -27.98 7.54 15.61
CA GLN C 77 -29.14 7.82 16.48
C GLN C 77 -29.48 6.50 17.16
N GLY C 78 -29.79 6.55 18.45
CA GLY C 78 -30.05 5.31 19.17
C GLY C 78 -28.76 4.66 19.64
N GLU C 79 -28.85 3.45 20.17
CA GLU C 79 -27.68 2.82 20.77
C GLU C 79 -27.73 1.31 20.51
N VAL C 80 -26.53 0.73 20.45
CA VAL C 80 -26.34 -0.70 20.19
C VAL C 80 -25.49 -1.30 21.32
N THR C 81 -25.97 -2.43 21.85
CA THR C 81 -25.26 -3.18 22.87
C THR C 81 -24.85 -4.51 22.22
N HIS C 82 -23.61 -4.91 22.44
CA HIS C 82 -23.08 -6.16 21.91
C HIS C 82 -22.47 -6.93 23.09
N LYS C 83 -22.63 -8.25 23.04
CA LYS C 83 -22.18 -9.13 24.09
C LYS C 83 -21.68 -10.42 23.46
N ASP C 84 -20.48 -10.84 23.84
CA ASP C 84 -19.88 -12.05 23.27
C ASP C 84 -20.15 -13.24 24.21
N SER C 85 -19.69 -14.41 23.82
CA SER C 85 -19.98 -15.65 24.58
C SER C 85 -19.33 -15.64 25.96
N SER C 86 -18.19 -14.96 26.09
CA SER C 86 -17.45 -14.90 27.37
C SER C 86 -17.83 -13.66 28.19
N GLY C 87 -18.99 -13.03 27.90
CA GLY C 87 -19.47 -11.90 28.74
C GLY C 87 -18.93 -10.52 28.34
N GLY C 88 -17.92 -10.46 27.48
CA GLY C 88 -17.37 -9.17 27.04
C GLY C 88 -18.32 -8.44 26.11
N GLY C 89 -17.91 -7.25 25.65
CA GLY C 89 -18.73 -6.42 24.76
C GLY C 89 -18.88 -5.01 25.30
N GLY C 90 -20.00 -4.37 25.00
CA GLY C 90 -20.24 -3.02 25.49
C GLY C 90 -21.46 -2.38 24.86
N THR C 91 -21.61 -1.08 25.08
CA THR C 91 -22.74 -0.32 24.55
C THR C 91 -22.20 0.86 23.76
N ILE C 92 -22.68 0.97 22.54
CA ILE C 92 -22.27 2.00 21.60
C ILE C 92 -23.33 3.10 21.64
N LYS C 93 -22.99 4.21 22.25
CA LYS C 93 -23.95 5.31 22.32
C LYS C 93 -23.83 6.16 21.06
N THR C 94 -24.76 7.10 20.92
CA THR C 94 -24.80 7.96 19.78
C THR C 94 -23.46 8.69 19.65
N GLY C 95 -22.88 8.63 18.46
CA GLY C 95 -21.60 9.26 18.18
C GLY C 95 -20.41 8.37 18.49
N ASP C 96 -20.65 7.22 19.15
CA ASP C 96 -19.58 6.25 19.50
C ASP C 96 -19.33 5.28 18.35
N VAL C 97 -18.18 4.61 18.39
CA VAL C 97 -17.81 3.60 17.41
C VAL C 97 -17.28 2.35 18.14
N GLN C 98 -17.60 1.17 17.61
CA GLN C 98 -16.94 -0.04 18.03
C GLN C 98 -16.20 -0.59 16.80
N TRP C 99 -14.91 -0.76 16.96
CA TRP C 99 -14.07 -1.35 15.93
C TRP C 99 -13.60 -2.71 16.48
N THR C 101 -12.24 -6.50 16.14
CA THR C 101 -11.46 -7.45 15.33
C THR C 101 -11.93 -8.86 15.67
N ALA C 102 -12.55 -9.57 14.72
CA ALA C 102 -12.98 -10.93 15.00
C ALA C 102 -11.75 -11.86 14.99
N GLY C 103 -10.86 -11.65 14.03
CA GLY C 103 -9.67 -12.48 13.89
C GLY C 103 -9.97 -13.97 13.96
N ALA C 104 -9.26 -14.63 14.87
CA ALA C 104 -9.37 -16.08 15.07
C ALA C 104 -10.81 -16.48 15.42
N GLY C 105 -11.59 -15.58 16.01
CA GLY C 105 -12.98 -15.94 16.27
C GLY C 105 -13.63 -15.20 17.41
N VAL C 106 -14.92 -14.96 17.22
CA VAL C 106 -15.77 -14.38 18.24
C VAL C 106 -17.17 -14.94 17.99
N LEU C 107 -17.94 -15.06 19.07
CA LEU C 107 -19.31 -15.47 19.03
C LEU C 107 -20.10 -14.38 19.76
N HIS C 108 -20.99 -13.65 19.08
CA HIS C 108 -21.62 -12.54 19.80
C HIS C 108 -23.05 -12.28 19.31
N GLU C 109 -23.72 -11.41 20.08
CA GLU C 109 -25.06 -10.92 19.76
C GLU C 109 -25.01 -9.37 19.77
N GLU C 110 -25.88 -8.75 18.99
CA GLU C 110 -25.96 -7.28 18.85
C GLU C 110 -27.44 -6.91 18.91
N PHE C 111 -27.78 -5.94 19.76
N PHE C 111 -27.79 -5.95 19.76
CA PHE C 111 -29.18 -5.59 19.96
CA PHE C 111 -29.18 -5.56 19.90
C PHE C 111 -29.29 -4.15 20.46
C PHE C 111 -29.26 -4.06 20.19
N HIS C 112 -30.48 -3.58 20.34
CA HIS C 112 -30.70 -2.22 20.79
C HIS C 112 -30.34 -2.17 22.27
N SER C 113 -29.62 -1.13 22.70
CA SER C 113 -29.32 -1.02 24.13
C SER C 113 -30.64 -1.04 24.92
N PRO C 114 -30.60 -1.60 26.12
CA PRO C 114 -31.79 -1.57 26.97
C PRO C 114 -32.39 -0.17 27.13
N GLU C 115 -31.52 0.84 27.30
CA GLU C 115 -32.00 2.20 27.49
C GLU C 115 -32.70 2.68 26.20
N PHE C 116 -32.11 2.41 25.05
CA PHE C 116 -32.75 2.86 23.81
C PHE C 116 -34.05 2.10 23.57
N ALA C 117 -34.03 0.81 23.84
CA ALA C 117 -35.22 0.00 23.59
C ALA C 117 -36.38 0.51 24.46
N GLU C 118 -36.10 0.88 25.70
N GLU C 118 -36.07 0.88 25.70
CA GLU C 118 -37.17 1.29 26.62
CA GLU C 118 -37.05 1.33 26.67
C GLU C 118 -37.68 2.70 26.29
C GLU C 118 -37.67 2.67 26.25
N HIS C 119 -36.85 3.59 25.75
CA HIS C 119 -37.33 4.95 25.36
C HIS C 119 -37.95 4.93 23.95
N GLY C 120 -37.42 4.08 23.07
CA GLY C 120 -37.85 4.09 21.68
C GLY C 120 -37.31 5.30 20.96
N GLY C 121 -37.68 5.47 19.70
CA GLY C 121 -37.23 6.62 18.92
C GLY C 121 -36.50 6.22 17.66
N LEU C 122 -35.81 7.17 17.05
CA LEU C 122 -35.12 6.96 15.78
C LEU C 122 -33.80 6.23 16.01
N PHE C 123 -33.61 5.22 15.18
CA PHE C 123 -32.40 4.38 15.17
C PHE C 123 -31.72 4.57 13.82
N GLU C 124 -30.43 4.86 13.84
CA GLU C 124 -29.63 5.08 12.63
C GLU C 124 -28.20 4.61 12.91
N VAL C 126 -24.46 2.53 10.92
CA VAL C 126 -23.74 1.89 9.83
C VAL C 126 -22.94 0.72 10.43
N GLN C 127 -22.95 -0.41 9.73
CA GLN C 127 -22.02 -1.48 10.03
C GLN C 127 -21.20 -1.74 8.79
N LEU C 128 -19.89 -1.71 8.99
CA LEU C 128 -18.92 -1.91 7.95
C LEU C 128 -18.03 -3.11 8.28
N TRP C 129 -17.83 -4.01 7.30
CA TRP C 129 -16.92 -5.10 7.46
C TRP C 129 -15.61 -4.75 6.72
N VAL C 130 -14.50 -4.94 7.42
CA VAL C 130 -13.18 -4.63 6.93
C VAL C 130 -12.36 -5.91 6.97
N ASN C 131 -11.72 -6.25 5.85
CA ASN C 131 -10.96 -7.48 5.74
C ASN C 131 -9.61 -7.31 6.41
N LEU C 132 -9.01 -8.41 6.84
CA LEU C 132 -7.67 -8.42 7.41
C LEU C 132 -6.70 -9.04 6.40
N PRO C 133 -5.43 -8.62 6.43
CA PRO C 133 -4.40 -9.29 5.66
C PRO C 133 -4.26 -10.74 6.16
N SER C 134 -3.83 -11.63 5.30
CA SER C 134 -3.72 -13.06 5.62
C SER C 134 -2.96 -13.31 6.93
N HIS C 135 -1.87 -12.59 7.16
CA HIS C 135 -1.04 -12.84 8.35
C HIS C 135 -1.77 -12.48 9.65
N SER C 136 -2.76 -11.60 9.58
CA SER C 136 -3.47 -11.08 10.77
C SER C 136 -4.80 -11.79 11.02
N LYS C 137 -5.25 -12.64 10.09
CA LYS C 137 -6.59 -13.25 10.19
C LYS C 137 -6.74 -14.15 11.42
N THR C 139 -5.08 -13.74 14.33
CA THR C 139 -4.66 -13.12 15.59
C THR C 139 -5.88 -13.11 16.52
N PRO C 140 -5.64 -13.00 17.82
CA PRO C 140 -6.78 -13.06 18.73
C PRO C 140 -7.77 -11.92 18.54
N GLY C 141 -9.06 -12.23 18.69
CA GLY C 141 -10.09 -11.23 18.61
C GLY C 141 -9.93 -10.15 19.67
N LYS C 142 -10.40 -8.95 19.37
CA LYS C 142 -10.28 -7.85 20.35
C LYS C 142 -11.27 -6.73 20.02
N TYR C 143 -11.44 -5.83 21.00
CA TYR C 143 -12.37 -4.72 20.89
C TYR C 143 -11.66 -3.38 20.95
N GLN C 144 -12.22 -2.41 20.26
CA GLN C 144 -11.86 -1.04 20.41
C GLN C 144 -13.17 -0.25 20.59
N ALA C 145 -13.49 0.05 21.83
CA ALA C 145 -14.67 0.89 22.16
C ALA C 145 -14.22 2.34 22.11
N ILE C 146 -14.75 3.10 21.19
CA ILE C 146 -14.33 4.48 21.00
C ILE C 146 -15.48 5.41 21.33
N GLU C 147 -15.27 6.31 22.29
CA GLU C 147 -16.31 7.24 22.73
C GLU C 147 -16.31 8.45 21.78
N ALA C 148 -17.49 9.05 21.59
CA ALA C 148 -17.69 10.16 20.67
C ALA C 148 -16.65 11.27 20.89
N LYS C 149 -16.35 11.60 22.14
CA LYS C 149 -15.46 12.74 22.41
C LYS C 149 -14.01 12.44 22.04
N ASP C 150 -13.65 11.19 21.81
CA ASP C 150 -12.26 10.89 21.48
C ASP C 150 -12.05 10.80 19.95
N ILE C 151 -13.07 11.14 19.16
CA ILE C 151 -12.89 11.03 17.75
C ILE C 151 -12.53 12.42 17.21
N PRO C 152 -11.37 12.54 16.55
CA PRO C 152 -10.95 13.82 15.97
C PRO C 152 -12.00 14.29 14.96
N ASP C 153 -12.42 15.55 15.10
CA ASP C 153 -13.46 16.21 14.29
C ASP C 153 -12.79 17.41 13.59
N ILE C 154 -12.86 17.43 12.27
CA ILE C 154 -12.15 18.42 11.46
C ILE C 154 -13.17 19.32 10.76
N ALA C 155 -13.10 20.63 10.94
CA ALA C 155 -13.98 21.53 10.19
C ALA C 155 -13.47 21.63 8.74
N LEU C 156 -14.36 21.52 7.77
CA LEU C 156 -13.95 21.62 6.37
C LEU C 156 -14.17 23.04 5.86
N ASP C 157 -15.04 23.79 6.53
CA ASP C 157 -15.31 25.19 6.17
C ASP C 157 -15.81 25.94 7.41
N GLU C 158 -16.20 27.20 7.20
CA GLU C 158 -16.75 28.03 8.26
C GLU C 158 -18.28 27.94 8.27
N HIS C 159 -18.88 26.94 7.60
CA HIS C 159 -20.34 26.91 7.46
C HIS C 159 -20.96 25.67 8.11
N GLY C 160 -20.16 24.86 8.79
CA GLY C 160 -20.72 23.71 9.46
C GLY C 160 -20.32 22.38 8.83
N SER C 161 -19.57 22.37 7.73
CA SER C 161 -19.16 21.05 7.19
C SER C 161 -18.06 20.49 8.10
N HIS C 162 -18.01 19.18 8.29
CA HIS C 162 -17.02 18.59 9.17
C HIS C 162 -16.78 17.14 8.80
N LEU C 163 -15.65 16.63 9.26
CA LEU C 163 -15.27 15.28 9.02
C LEU C 163 -14.70 14.69 10.31
N ARG C 164 -15.09 13.46 10.63
CA ARG C 164 -14.56 12.74 11.79
C ARG C 164 -13.56 11.69 11.30
N VAL C 165 -12.39 11.62 11.92
CA VAL C 165 -11.40 10.64 11.49
C VAL C 165 -11.56 9.39 12.35
N ILE C 166 -12.40 8.46 11.89
CA ILE C 166 -12.62 7.25 12.66
C ILE C 166 -11.36 6.36 12.57
N ALA C 167 -10.81 6.22 11.37
CA ALA C 167 -9.58 5.47 11.17
C ALA C 167 -8.75 6.16 10.11
N GLY C 168 -7.44 6.01 10.23
CA GLY C 168 -6.50 6.50 9.25
C GLY C 168 -5.93 7.86 9.61
N GLU C 169 -5.92 8.75 8.64
CA GLU C 169 -5.37 10.07 8.87
C GLU C 169 -5.97 11.08 7.90
N TYR C 170 -6.30 12.24 8.43
CA TYR C 170 -6.78 13.32 7.62
C TYR C 170 -6.30 14.65 8.21
N ALA C 171 -5.80 15.53 7.37
CA ALA C 171 -5.32 16.84 7.82
C ALA C 171 -4.47 16.67 9.10
N ASP C 172 -3.52 15.74 9.01
CA ASP C 172 -2.51 15.44 10.05
C ASP C 172 -3.11 14.81 11.32
N ALA C 173 -4.43 14.73 11.44
CA ALA C 173 -5.05 14.14 12.62
C ALA C 173 -5.22 12.62 12.43
N LYS C 174 -4.68 11.85 13.38
CA LYS C 174 -4.70 10.38 13.33
C LYS C 174 -6.06 9.86 13.80
N GLY C 175 -6.52 8.79 13.19
CA GLY C 175 -7.82 8.20 13.51
C GLY C 175 -7.88 7.64 14.92
N ALA C 176 -9.10 7.49 15.42
CA ALA C 176 -9.37 6.98 16.75
C ALA C 176 -9.15 5.47 16.81
N ALA C 177 -9.45 4.78 15.72
CA ALA C 177 -9.31 3.35 15.70
C ALA C 177 -8.00 2.93 15.02
N THR C 178 -7.34 1.91 15.56
CA THR C 178 -6.12 1.37 14.95
C THR C 178 -6.55 0.28 13.93
N THR C 179 -5.68 0.02 12.94
CA THR C 179 -5.98 -0.91 11.84
C THR C 179 -4.77 -1.82 11.58
N PHE C 180 -5.01 -2.86 10.79
CA PHE C 180 -3.96 -3.84 10.44
C PHE C 180 -3.32 -3.51 9.10
N SER C 181 -3.99 -2.68 8.32
CA SER C 181 -3.47 -2.26 7.03
C SER C 181 -3.83 -0.79 6.84
N PRO C 182 -3.15 -0.09 5.91
CA PRO C 182 -3.40 1.35 5.80
C PRO C 182 -4.78 1.61 5.17
N LEU C 183 -5.61 2.33 5.92
CA LEU C 183 -6.94 2.58 5.44
C LEU C 183 -7.54 3.76 6.24
N ASN C 184 -8.50 4.38 5.60
CA ASN C 184 -9.19 5.51 6.14
C ASN C 184 -10.69 5.20 6.22
N VAL C 185 -11.27 5.61 7.34
CA VAL C 185 -12.71 5.64 7.50
C VAL C 185 -13.03 7.02 8.06
N TRP C 186 -13.64 7.86 7.23
CA TRP C 186 -14.02 9.20 7.63
C TRP C 186 -15.53 9.37 7.50
N ASP C 187 -16.15 10.07 8.44
CA ASP C 187 -17.57 10.31 8.24
C ASP C 187 -17.85 11.78 8.52
N GLY C 188 -19.02 12.24 8.17
CA GLY C 188 -19.28 13.64 8.45
C GLY C 188 -20.43 14.20 7.63
N LYS C 189 -20.43 15.53 7.57
CA LYS C 189 -21.47 16.26 6.96
C LYS C 189 -20.90 17.37 6.07
N LEU C 190 -21.52 17.52 4.92
N LEU C 190 -21.52 17.54 4.92
CA LEU C 190 -21.21 18.57 3.98
CA LEU C 190 -21.14 18.61 4.01
C LEU C 190 -22.44 19.48 3.91
C LEU C 190 -22.39 19.48 3.84
N VAL C 191 -22.27 20.75 4.18
CA VAL C 191 -23.40 21.66 4.15
C VAL C 191 -23.69 22.08 2.70
N LYS C 192 -24.98 22.22 2.46
CA LYS C 192 -25.49 22.61 1.17
C LYS C 192 -24.72 23.81 0.64
N GLY C 193 -24.33 23.74 -0.63
CA GLY C 193 -23.65 24.83 -1.31
C GLY C 193 -22.15 24.86 -1.06
N GLN C 194 -21.61 23.97 -0.23
CA GLN C 194 -20.16 24.01 0.05
C GLN C 194 -19.45 22.94 -0.78
N LYS C 195 -18.31 23.34 -1.37
CA LYS C 195 -17.49 22.46 -2.20
C LYS C 195 -16.14 22.23 -1.51
N HIS C 196 -15.67 21.00 -1.54
N HIS C 196 -15.67 20.99 -1.47
CA HIS C 196 -14.46 20.62 -0.87
CA HIS C 196 -14.43 20.69 -0.76
C HIS C 196 -13.61 19.70 -1.74
C HIS C 196 -13.63 19.61 -1.51
N THR C 197 -12.31 19.77 -1.53
CA THR C 197 -11.38 18.86 -2.17
C THR C 197 -10.83 17.96 -1.08
N LEU C 198 -10.95 16.64 -1.23
N LEU C 198 -10.95 16.64 -1.24
CA LEU C 198 -10.39 15.72 -0.25
CA LEU C 198 -10.42 15.68 -0.26
C LEU C 198 -9.16 15.02 -0.84
C LEU C 198 -9.18 15.00 -0.83
N TYR C 199 -8.15 14.82 -0.01
CA TYR C 199 -6.92 14.21 -0.43
C TYR C 199 -6.87 12.78 0.09
N VAL C 200 -6.57 11.86 -0.82
CA VAL C 200 -6.54 10.41 -0.49
C VAL C 200 -5.21 9.85 -0.99
N PRO C 201 -4.65 8.85 -0.29
CA PRO C 201 -3.38 8.29 -0.73
C PRO C 201 -3.45 7.64 -2.12
N GLU C 202 -2.40 7.88 -2.88
CA GLU C 202 -2.23 7.32 -4.21
C GLU C 202 -2.34 5.79 -4.13
N GLY C 203 -3.12 5.19 -5.04
CA GLY C 203 -3.23 3.73 -5.13
C GLY C 203 -4.30 3.13 -4.21
N HIS C 204 -4.91 3.92 -3.34
CA HIS C 204 -5.94 3.39 -2.49
C HIS C 204 -7.27 3.22 -3.21
N THR C 205 -7.92 2.09 -2.94
CA THR C 205 -9.35 1.94 -3.17
C THR C 205 -10.03 3.16 -2.54
N THR C 206 -10.96 3.77 -3.22
CA THR C 206 -11.60 4.97 -2.70
C THR C 206 -13.09 4.87 -2.94
N LEU C 207 -13.86 4.81 -1.83
CA LEU C 207 -15.30 4.66 -1.88
C LEU C 207 -15.93 5.89 -1.22
N VAL C 208 -16.84 6.54 -1.93
CA VAL C 208 -17.56 7.69 -1.40
C VAL C 208 -18.99 7.23 -1.17
N VAL C 209 -19.41 7.26 0.09
CA VAL C 209 -20.72 6.76 0.42
C VAL C 209 -21.60 7.94 0.81
N VAL C 210 -22.71 8.08 0.12
CA VAL C 210 -23.67 9.13 0.45
C VAL C 210 -24.82 8.44 1.19
N LEU C 211 -24.92 8.69 2.49
CA LEU C 211 -25.98 8.06 3.27
C LEU C 211 -27.30 8.79 3.02
N GLU C 212 -27.22 10.12 3.02
CA GLU C 212 -28.39 10.95 2.84
C GLU C 212 -27.95 12.30 2.27
N GLY C 213 -28.70 12.82 1.30
CA GLY C 213 -28.40 14.08 0.67
C GLY C 213 -28.14 13.92 -0.81
N ALA C 214 -27.29 14.78 -1.34
CA ALA C 214 -26.97 14.77 -2.75
C ALA C 214 -25.70 15.59 -2.95
N VAL C 215 -24.74 15.03 -3.68
N VAL C 215 -24.72 15.00 -3.63
CA VAL C 215 -23.45 15.66 -3.81
CA VAL C 215 -23.47 15.69 -3.90
C VAL C 215 -22.87 15.34 -5.21
C VAL C 215 -23.11 15.48 -5.37
N VAL C 216 -22.20 16.33 -5.82
CA VAL C 216 -21.61 16.20 -7.14
C VAL C 216 -20.13 15.91 -6.93
N VAL C 217 -19.66 14.84 -7.57
CA VAL C 217 -18.27 14.41 -7.50
C VAL C 217 -17.52 14.94 -8.73
N ASN C 218 -16.37 15.55 -8.47
CA ASN C 218 -15.49 16.11 -9.52
C ASN C 218 -16.28 16.94 -10.55
N ASP C 219 -17.25 17.70 -10.07
CA ASP C 219 -18.08 18.63 -10.85
C ASP C 219 -18.96 17.96 -11.92
N THR C 220 -18.94 16.65 -12.10
CA THR C 220 -19.67 16.09 -13.23
C THR C 220 -20.68 15.00 -12.85
N ASN C 221 -20.50 14.29 -11.74
CA ASN C 221 -21.40 13.15 -11.45
C ASN C 221 -22.14 13.38 -10.14
N ARG C 222 -23.47 13.36 -10.20
N ARG C 222 -23.46 13.33 -10.21
CA ARG C 222 -24.31 13.59 -9.02
CA ARG C 222 -24.33 13.57 -9.06
C ARG C 222 -24.63 12.25 -8.35
C ARG C 222 -24.64 12.23 -8.35
N LEU C 223 -24.53 12.24 -7.03
CA LEU C 223 -24.83 11.06 -6.19
C LEU C 223 -25.93 11.44 -5.19
N GLU C 224 -26.94 10.59 -5.06
N GLU C 224 -26.94 10.58 -5.05
CA GLU C 224 -28.04 10.83 -4.12
CA GLU C 224 -28.03 10.83 -4.10
C GLU C 224 -27.88 9.85 -2.94
C GLU C 224 -27.86 9.88 -2.91
N GLY C 225 -28.82 9.88 -2.00
CA GLY C 225 -28.77 9.04 -0.80
C GLY C 225 -28.71 7.55 -1.10
N LYS C 226 -28.14 6.83 -0.14
CA LYS C 226 -27.97 5.39 -0.13
C LYS C 226 -27.18 4.94 -1.37
N THR C 227 -26.10 5.65 -1.64
CA THR C 227 -25.28 5.37 -2.81
C THR C 227 -23.81 5.26 -2.41
N VAL C 228 -23.12 4.34 -3.09
CA VAL C 228 -21.67 4.25 -2.99
C VAL C 228 -21.07 4.46 -4.38
N ALA C 229 -20.10 5.35 -4.44
CA ALA C 229 -19.37 5.65 -5.64
C ALA C 229 -17.95 5.08 -5.52
N ILE C 230 -17.46 4.49 -6.61
CA ILE C 230 -16.14 3.95 -6.67
C ILE C 230 -15.27 4.89 -7.51
N LEU C 231 -14.19 5.40 -6.91
CA LEU C 231 -13.25 6.27 -7.63
C LEU C 231 -11.97 5.48 -7.95
N SER C 232 -11.19 5.96 -8.93
CA SER C 232 -10.01 5.22 -9.34
C SER C 232 -8.97 5.14 -8.22
N ARG C 233 -8.23 4.06 -8.21
CA ARG C 233 -7.12 3.91 -7.29
C ARG C 233 -6.02 4.89 -7.68
N GLU C 234 -5.90 5.13 -8.98
CA GLU C 234 -4.94 6.08 -9.50
C GLU C 234 -5.41 7.49 -9.16
N GLY C 235 -4.51 8.34 -8.65
CA GLY C 235 -4.89 9.72 -8.30
C GLY C 235 -4.90 9.95 -6.79
N VAL C 236 -4.88 11.23 -6.38
CA VAL C 236 -4.74 11.58 -4.97
C VAL C 236 -5.83 12.53 -4.48
N GLU C 237 -6.75 12.96 -5.32
CA GLU C 237 -7.70 13.93 -4.80
C GLU C 237 -9.02 13.87 -5.57
N PHE C 238 -10.07 14.37 -4.94
CA PHE C 238 -11.36 14.49 -5.63
C PHE C 238 -12.17 15.57 -4.92
N SER C 239 -13.20 16.08 -5.58
CA SER C 239 -13.99 17.15 -5.01
C SER C 239 -15.43 16.68 -4.79
N LEU C 240 -16.03 17.21 -3.73
CA LEU C 240 -17.42 16.98 -3.38
C LEU C 240 -18.07 18.35 -3.25
N ASN C 241 -19.23 18.51 -3.88
CA ASN C 241 -20.01 19.76 -3.87
C ASN C 241 -21.45 19.40 -3.51
N ALA C 242 -21.88 19.83 -2.33
CA ALA C 242 -23.18 19.42 -1.79
C ALA C 242 -24.33 20.23 -2.41
N GLU C 243 -25.32 19.52 -2.98
CA GLU C 243 -26.53 20.16 -3.52
C GLU C 243 -27.56 20.32 -2.39
N GLU C 244 -27.44 19.45 -1.38
CA GLU C 244 -28.23 19.47 -0.15
C GLU C 244 -27.31 19.13 1.02
N ASP C 245 -27.75 19.39 2.26
CA ASP C 245 -26.99 18.93 3.45
C ASP C 245 -26.79 17.43 3.28
N THR C 246 -25.54 16.97 3.37
CA THR C 246 -25.24 15.58 3.04
C THR C 246 -24.45 14.86 4.13
N LYS C 247 -24.97 13.69 4.53
N LYS C 247 -24.93 13.70 4.59
CA LYS C 247 -24.30 12.76 5.44
CA LYS C 247 -24.16 12.86 5.54
C LYS C 247 -23.49 11.79 4.58
C LYS C 247 -23.35 11.86 4.72
N PHE C 248 -22.21 11.59 4.91
N PHE C 248 -22.02 11.88 4.80
CA PHE C 248 -21.30 10.78 4.08
CA PHE C 248 -21.27 10.97 3.97
C PHE C 248 -20.32 9.92 4.88
C PHE C 248 -20.22 10.23 4.79
N LEU C 249 -19.71 8.94 4.19
N LEU C 249 -19.71 9.22 4.09
CA LEU C 249 -18.52 8.23 4.70
CA LEU C 249 -18.59 8.40 4.50
C LEU C 249 -17.56 8.07 3.53
C LEU C 249 -17.55 8.46 3.39
N VAL C 250 -16.29 8.37 3.77
CA VAL C 250 -15.24 8.17 2.77
C VAL C 250 -14.42 6.99 3.31
N LEU C 251 -14.32 5.95 2.49
CA LEU C 251 -13.60 4.74 2.87
C LEU C 251 -12.45 4.57 1.88
N THR C 252 -11.22 4.52 2.37
CA THR C 252 -10.11 4.29 1.48
C THR C 252 -9.19 3.25 2.08
N GLY C 253 -8.41 2.60 1.22
CA GLY C 253 -7.42 1.69 1.74
C GLY C 253 -6.55 1.07 0.67
N GLN C 254 -5.36 0.69 1.08
CA GLN C 254 -4.45 -0.07 0.21
C GLN C 254 -5.10 -1.42 -0.04
N PRO C 255 -5.27 -1.80 -1.32
CA PRO C 255 -5.87 -3.08 -1.60
C PRO C 255 -5.01 -4.22 -1.05
N LEU C 256 -5.61 -5.32 -0.57
CA LEU C 256 -4.83 -6.39 0.05
C LEU C 256 -4.20 -7.31 -1.02
N ASN C 257 -4.82 -7.43 -2.18
CA ASN C 257 -4.29 -8.28 -3.27
C ASN C 257 -4.06 -9.71 -2.78
N GLU C 258 -5.04 -10.20 -2.06
CA GLU C 258 -5.04 -11.56 -1.54
C GLU C 258 -6.43 -12.14 -1.84
N PRO C 259 -6.53 -13.46 -2.05
CA PRO C 259 -7.82 -14.04 -2.39
C PRO C 259 -8.90 -13.86 -1.32
N ILE C 260 -10.14 -13.79 -1.75
CA ILE C 260 -11.27 -13.70 -0.82
C ILE C 260 -12.13 -14.95 -0.97
N GLU C 261 -12.30 -15.69 0.12
CA GLU C 261 -13.23 -16.81 0.12
C GLU C 261 -14.10 -16.61 1.36
N GLY C 262 -15.37 -16.30 1.13
CA GLY C 262 -16.27 -16.03 2.22
C GLY C 262 -17.45 -17.00 2.24
N TYR C 263 -18.05 -17.10 3.41
CA TYR C 263 -19.25 -17.90 3.63
C TYR C 263 -19.97 -17.33 4.86
N GLY C 264 -21.13 -16.74 4.64
CA GLY C 264 -21.92 -16.18 5.71
C GLY C 264 -21.10 -15.24 6.58
N PRO C 265 -20.85 -15.62 7.83
CA PRO C 265 -20.13 -14.72 8.72
C PRO C 265 -18.61 -14.98 8.78
N PHE C 266 -18.08 -15.77 7.85
CA PHE C 266 -16.67 -16.09 7.81
C PHE C 266 -16.06 -15.58 6.50
N VAL C 267 -14.90 -14.95 6.59
CA VAL C 267 -14.19 -14.48 5.40
C VAL C 267 -12.71 -14.83 5.56
N ASN C 269 -9.05 -16.69 3.18
CA ASN C 269 -8.36 -16.59 1.91
C ASN C 269 -8.60 -17.82 1.03
N THR C 270 -8.90 -18.98 1.62
CA THR C 270 -9.08 -20.23 0.87
C THR C 270 -10.37 -20.96 1.30
N LYS C 271 -10.82 -21.87 0.45
CA LYS C 271 -12.02 -22.67 0.70
C LYS C 271 -11.73 -23.63 1.86
N ALA C 272 -10.50 -24.12 1.93
CA ALA C 272 -10.11 -25.02 3.00
C ALA C 272 -10.25 -24.32 4.36
N GLU C 273 -9.88 -23.04 4.39
CA GLU C 273 -9.97 -22.24 5.62
C GLU C 273 -11.46 -22.09 5.99
N ILE C 274 -12.34 -21.96 5.01
CA ILE C 274 -13.76 -21.81 5.29
C ILE C 274 -14.26 -23.11 5.93
N GLU C 276 -12.54 -25.23 7.63
CA GLU C 276 -11.98 -25.31 9.00
C GLU C 276 -12.83 -24.43 9.94
N ALA C 277 -13.28 -23.27 9.46
CA ALA C 277 -14.10 -22.37 10.29
C ALA C 277 -15.44 -23.07 10.64
N ILE C 278 -16.10 -23.61 9.62
CA ILE C 278 -17.37 -24.32 9.79
C ILE C 278 -17.20 -25.49 10.76
N ASN C 279 -16.13 -26.26 10.61
N ASN C 279 -16.12 -26.25 10.60
CA ASN C 279 -15.88 -27.43 11.47
CA ASN C 279 -15.84 -27.41 11.45
C ASN C 279 -15.61 -26.96 12.91
C ASN C 279 -15.62 -26.94 12.89
N ASP C 280 -14.81 -25.90 13.06
CA ASP C 280 -14.51 -25.35 14.40
C ASP C 280 -15.82 -24.89 15.05
N PHE C 281 -16.69 -24.27 14.27
CA PHE C 281 -17.96 -23.80 14.80
C PHE C 281 -18.83 -24.99 15.25
N ASN C 282 -18.96 -26.00 14.38
CA ASN C 282 -19.81 -27.19 14.63
C ASN C 282 -19.28 -28.00 15.83
N ARG C 283 -17.97 -27.99 16.04
CA ARG C 283 -17.40 -28.73 17.16
C ARG C 283 -17.46 -27.88 18.44
N GLY C 284 -18.13 -26.73 18.37
CA GLY C 284 -18.34 -25.86 19.54
C GLY C 284 -17.08 -25.14 20.00
N LYS C 285 -16.10 -24.94 19.12
CA LYS C 285 -14.84 -24.31 19.54
C LYS C 285 -14.95 -22.78 19.63
N PHE C 286 -16.11 -22.20 19.30
CA PHE C 286 -16.30 -20.73 19.40
C PHE C 286 -16.88 -20.36 20.79
N GLY C 287 -17.54 -21.32 21.46
CA GLY C 287 -18.08 -21.10 22.82
C GLY C 287 -19.60 -21.10 22.87
N SER C 288 -20.16 -20.39 23.86
CA SER C 288 -21.61 -20.34 24.02
C SER C 288 -21.99 -19.09 24.83
N ILE C 289 -22.90 -18.28 24.28
CA ILE C 289 -23.32 -17.05 24.97
C ILE C 289 -24.19 -17.42 26.18
N ALA D 3 -51.07 -0.70 -9.28
CA ALA D 3 -50.17 -0.06 -8.28
C ALA D 3 -48.89 0.44 -8.97
N LYS D 5 -44.91 0.76 -9.50
CA LYS D 5 -43.70 -0.07 -9.35
C LYS D 5 -42.72 0.73 -8.48
N LYS D 6 -42.08 0.09 -7.51
CA LYS D 6 -41.17 0.80 -6.59
C LYS D 6 -39.74 0.81 -7.15
N PHE D 7 -39.04 1.91 -6.94
CA PHE D 7 -37.65 2.03 -7.32
C PHE D 7 -36.83 1.16 -6.37
N LEU D 8 -36.06 0.18 -6.87
CA LEU D 8 -35.32 -0.74 -5.98
C LEU D 8 -33.84 -0.36 -5.87
N GLY D 9 -33.26 0.08 -6.97
CA GLY D 9 -31.87 0.49 -6.95
C GLY D 9 -31.40 0.88 -8.35
N ALA D 10 -30.16 1.36 -8.43
CA ALA D 10 -29.63 1.79 -9.72
C ALA D 10 -28.10 1.61 -9.74
N TYR D 11 -27.56 1.43 -10.95
N TYR D 11 -27.58 1.53 -10.97
CA TYR D 11 -26.10 1.37 -11.19
CA TYR D 11 -26.18 1.30 -11.27
C TYR D 11 -25.76 2.34 -12.31
C TYR D 11 -25.73 2.29 -12.36
N GLN D 12 -24.71 3.10 -12.08
CA GLN D 12 -24.20 4.05 -13.03
C GLN D 12 -22.77 3.65 -13.34
N ASN D 13 -22.42 3.63 -14.61
CA ASN D 13 -21.06 3.26 -15.00
C ASN D 13 -20.43 4.40 -15.79
N ASN D 14 -19.27 4.81 -15.37
CA ASN D 14 -18.56 5.87 -16.05
C ASN D 14 -17.22 5.34 -16.58
N HIS D 15 -17.05 4.02 -16.67
CA HIS D 15 -15.78 3.44 -17.08
C HIS D 15 -15.94 2.75 -18.44
N HIS D 17 -14.75 0.63 -21.83
CA HIS D 17 -13.82 -0.44 -22.23
C HIS D 17 -14.07 -0.72 -23.71
N TRP D 18 -13.06 -1.22 -24.40
CA TRP D 18 -13.14 -1.50 -25.81
C TRP D 18 -13.52 -2.96 -26.06
N VAL D 19 -14.44 -3.17 -26.98
CA VAL D 19 -14.66 -4.50 -27.52
C VAL D 19 -14.03 -4.45 -28.92
N GLY D 20 -12.96 -5.20 -29.11
CA GLY D 20 -12.20 -5.11 -30.33
C GLY D 20 -11.60 -3.72 -30.44
N ASP D 21 -11.49 -3.20 -31.64
CA ASP D 21 -10.99 -1.84 -31.81
C ASP D 21 -12.11 -0.96 -32.39
N GLY D 22 -13.37 -1.41 -32.33
CA GLY D 22 -14.44 -0.65 -32.94
C GLY D 22 -15.59 -0.29 -32.00
N PHE D 23 -15.65 -0.86 -30.80
CA PHE D 23 -16.79 -0.62 -29.94
C PHE D 23 -16.35 -0.10 -28.57
N PRO D 24 -16.33 1.23 -28.40
CA PRO D 24 -15.98 1.86 -27.13
C PRO D 24 -17.26 1.89 -26.29
N VAL D 25 -17.39 0.92 -25.39
CA VAL D 25 -18.65 0.75 -24.69
C VAL D 25 -18.54 0.92 -23.17
N TYR D 26 -19.69 1.31 -22.60
CA TYR D 26 -19.93 1.35 -21.18
C TYR D 26 -20.88 0.20 -20.87
N ASN D 27 -20.41 -0.78 -20.11
CA ASN D 27 -21.30 -1.89 -19.72
C ASN D 27 -22.26 -1.36 -18.66
N LEU D 28 -23.57 -1.37 -18.93
CA LEU D 28 -24.54 -0.85 -17.95
C LEU D 28 -25.08 -1.98 -17.06
N PHE D 29 -25.07 -3.21 -17.54
CA PHE D 29 -25.42 -4.32 -16.65
C PHE D 29 -24.93 -5.64 -17.25
N SER D 30 -24.72 -6.60 -16.37
CA SER D 30 -24.27 -7.91 -16.76
C SER D 30 -24.89 -8.96 -15.82
N TYR D 31 -25.12 -10.14 -16.36
CA TYR D 31 -25.76 -11.25 -15.63
C TYR D 31 -24.79 -11.81 -14.57
N ASP D 32 -23.50 -11.58 -14.77
CA ASP D 32 -22.50 -12.00 -13.82
C ASP D 32 -22.88 -11.48 -12.43
N ARG D 33 -23.10 -10.17 -12.35
CA ARG D 33 -23.36 -9.51 -11.08
C ARG D 33 -24.81 -9.72 -10.60
N LEU D 34 -25.82 -9.42 -11.43
CA LEU D 34 -27.22 -9.37 -10.94
C LEU D 34 -28.04 -10.61 -11.30
N GLY D 35 -27.47 -11.51 -12.12
N GLY D 35 -27.51 -11.48 -12.16
CA GLY D 35 -28.09 -12.78 -12.49
CA GLY D 35 -28.12 -12.75 -12.57
C GLY D 35 -29.58 -12.72 -12.74
C GLY D 35 -29.65 -12.73 -12.70
N GLN D 36 -30.32 -13.43 -11.89
N GLN D 36 -30.29 -13.48 -11.79
CA GLN D 36 -31.77 -13.65 -12.04
CA GLN D 36 -31.75 -13.74 -11.78
C GLN D 36 -32.58 -12.37 -11.88
C GLN D 36 -32.60 -12.47 -11.71
N THR D 37 -32.03 -11.36 -11.22
CA THR D 37 -32.74 -10.10 -11.06
C THR D 37 -33.04 -9.46 -12.42
N LEU D 38 -32.17 -9.65 -13.41
CA LEU D 38 -32.31 -8.99 -14.71
C LEU D 38 -33.13 -9.84 -15.70
N SER D 39 -33.39 -11.09 -15.36
CA SER D 39 -34.06 -12.03 -16.29
C SER D 39 -35.30 -11.39 -16.91
N PRO D 40 -35.47 -11.46 -18.23
CA PRO D 40 -34.64 -12.20 -19.18
C PRO D 40 -33.43 -11.51 -19.82
N PHE D 41 -33.03 -10.34 -19.31
CA PHE D 41 -31.94 -9.58 -19.91
C PHE D 41 -30.61 -10.04 -19.30
N LEU D 42 -29.59 -10.11 -20.13
CA LEU D 42 -28.28 -10.64 -19.70
C LEU D 42 -27.18 -9.59 -19.68
N LEU D 43 -27.22 -8.69 -20.66
CA LEU D 43 -26.13 -7.74 -20.78
C LEU D 43 -26.55 -6.54 -21.63
N LEU D 44 -26.05 -5.36 -21.25
N LEU D 44 -26.00 -5.39 -21.27
CA LEU D 44 -26.26 -4.17 -22.08
CA LEU D 44 -26.25 -4.16 -22.00
C LEU D 44 -24.97 -3.37 -22.11
C LEU D 44 -24.94 -3.37 -22.09
N ASP D 45 -24.48 -3.16 -23.32
CA ASP D 45 -23.29 -2.39 -23.61
C ASP D 45 -23.75 -1.14 -24.35
N TYR D 46 -23.30 0.02 -23.90
CA TYR D 46 -23.66 1.26 -24.58
C TYR D 46 -22.41 1.94 -25.14
N ALA D 47 -22.32 2.02 -26.46
CA ALA D 47 -21.29 2.82 -27.11
C ALA D 47 -21.78 4.27 -27.17
N ALA D 48 -21.44 5.06 -26.16
CA ALA D 48 -21.76 6.48 -26.14
C ALA D 48 -21.11 7.13 -27.38
N PRO D 49 -21.64 8.26 -27.86
CA PRO D 49 -21.11 8.91 -29.08
C PRO D 49 -19.58 9.03 -29.02
N TYR D 50 -18.91 8.49 -30.03
CA TYR D 50 -17.47 8.48 -30.10
C TYR D 50 -17.09 8.85 -31.55
N ASN D 51 -16.23 9.83 -31.68
CA ASN D 51 -15.85 10.34 -32.98
C ASN D 51 -14.68 9.53 -33.57
N PHE D 52 -14.93 8.89 -34.71
CA PHE D 52 -13.93 8.12 -35.41
C PHE D 52 -13.39 8.85 -36.65
N SER D 53 -12.07 8.81 -36.80
CA SER D 53 -11.41 9.24 -38.03
C SER D 53 -11.88 8.33 -39.16
N PRO D 54 -12.04 8.87 -40.36
CA PRO D 54 -12.35 8.03 -41.50
C PRO D 54 -11.17 7.06 -41.72
N THR D 55 -11.46 5.88 -42.25
CA THR D 55 -10.41 4.92 -42.48
C THR D 55 -10.88 3.84 -43.45
N THR D 56 -9.95 3.12 -44.07
N THR D 56 -9.93 3.13 -44.08
CA THR D 56 -10.34 2.04 -44.96
CA THR D 56 -10.27 2.04 -44.97
C THR D 56 -10.10 0.70 -44.23
C THR D 56 -10.15 0.72 -44.21
N GLU D 57 -9.49 0.74 -43.04
CA GLU D 57 -9.32 -0.49 -42.24
C GLU D 57 -10.68 -0.89 -41.68
N GLN D 58 -10.82 -2.17 -41.30
CA GLN D 58 -12.06 -2.64 -40.74
C GLN D 58 -11.95 -2.64 -39.22
N GLN D 59 -12.67 -1.73 -38.56
CA GLN D 59 -12.63 -1.62 -37.10
C GLN D 59 -13.90 -2.28 -36.52
N GLY D 60 -13.68 -3.12 -35.53
CA GLY D 60 -14.75 -3.89 -34.93
C GLY D 60 -14.19 -5.00 -34.08
N VAL D 61 -14.76 -6.18 -34.19
CA VAL D 61 -14.30 -7.32 -33.41
C VAL D 61 -14.21 -8.51 -34.39
N GLY D 62 -13.21 -9.37 -34.21
CA GLY D 62 -13.03 -10.52 -35.08
C GLY D 62 -14.04 -11.63 -34.78
N SER D 63 -13.94 -12.70 -35.54
CA SER D 63 -14.78 -13.87 -35.44
C SER D 63 -14.92 -14.34 -33.99
N HIS D 64 -16.16 -14.55 -33.53
CA HIS D 64 -16.41 -15.04 -32.19
C HIS D 64 -17.75 -15.78 -32.18
N PRO D 65 -17.88 -16.78 -31.31
CA PRO D 65 -19.10 -17.54 -31.29
C PRO D 65 -20.13 -17.04 -30.26
N HIS D 66 -21.34 -17.51 -30.41
CA HIS D 66 -22.40 -17.27 -29.44
C HIS D 66 -23.29 -18.52 -29.43
N ARG D 67 -23.83 -18.86 -28.28
CA ARG D 67 -24.79 -19.96 -28.19
C ARG D 67 -25.69 -19.69 -26.99
N GLY D 68 -27.00 -19.92 -27.18
CA GLY D 68 -27.98 -19.98 -26.08
C GLY D 68 -28.77 -18.72 -25.80
N PHE D 69 -28.57 -17.65 -26.56
CA PHE D 69 -29.28 -16.41 -26.28
C PHE D 69 -29.36 -15.57 -27.56
N GLU D 70 -29.83 -14.33 -27.41
CA GLU D 70 -30.02 -13.44 -28.53
C GLU D 70 -29.23 -12.15 -28.32
N THR D 71 -28.75 -11.54 -29.41
CA THR D 71 -28.06 -10.25 -29.31
C THR D 71 -28.88 -9.24 -30.14
N VAL D 72 -29.11 -8.09 -29.53
CA VAL D 72 -29.90 -7.04 -30.15
C VAL D 72 -28.98 -5.84 -30.33
N THR D 73 -28.77 -5.46 -31.57
CA THR D 73 -27.92 -4.34 -31.92
C THR D 73 -28.78 -3.19 -32.45
N ILE D 74 -28.68 -2.06 -31.78
CA ILE D 74 -29.47 -0.86 -32.07
C ILE D 74 -28.51 0.26 -32.48
N ALA D 75 -28.58 0.68 -33.73
CA ALA D 75 -27.67 1.73 -34.24
C ALA D 75 -28.31 3.10 -34.08
N TYR D 76 -27.61 4.03 -33.42
CA TYR D 76 -28.12 5.36 -33.22
C TYR D 76 -27.35 6.37 -34.07
N GLN D 77 -26.04 6.23 -34.14
CA GLN D 77 -25.22 7.05 -35.01
C GLN D 77 -24.19 6.13 -35.65
N GLY D 78 -23.99 6.29 -36.96
CA GLY D 78 -23.10 5.40 -37.68
C GLY D 78 -23.77 4.09 -38.02
N GLU D 79 -23.00 3.09 -38.46
CA GLU D 79 -23.57 1.82 -38.94
C GLU D 79 -22.69 0.64 -38.55
N VAL D 80 -23.32 -0.51 -38.41
CA VAL D 80 -22.63 -1.74 -38.06
C VAL D 80 -22.93 -2.82 -39.10
N THR D 81 -21.88 -3.49 -39.58
CA THR D 81 -22.03 -4.63 -40.49
C THR D 81 -21.65 -5.90 -39.72
N HIS D 82 -22.40 -6.97 -39.94
CA HIS D 82 -22.16 -8.24 -39.27
C HIS D 82 -22.13 -9.32 -40.36
N LYS D 83 -21.23 -10.27 -40.20
CA LYS D 83 -21.04 -11.33 -41.17
C LYS D 83 -20.78 -12.61 -40.40
N ASP D 84 -21.54 -13.66 -40.70
CA ASP D 84 -21.33 -14.95 -40.04
C ASP D 84 -20.40 -15.81 -40.89
N SER D 85 -20.08 -17.01 -40.40
CA SER D 85 -19.15 -17.90 -41.10
C SER D 85 -19.72 -18.33 -42.46
N SER D 86 -21.05 -18.48 -42.55
CA SER D 86 -21.73 -18.88 -43.79
C SER D 86 -21.62 -17.77 -44.84
N GLY D 87 -21.45 -16.53 -44.40
CA GLY D 87 -21.41 -15.38 -45.32
C GLY D 87 -22.66 -14.51 -45.17
N GLY D 88 -23.60 -14.99 -44.37
CA GLY D 88 -24.84 -14.26 -44.08
C GLY D 88 -24.59 -13.08 -43.14
N GLY D 89 -25.64 -12.38 -42.75
CA GLY D 89 -25.51 -11.19 -41.90
C GLY D 89 -26.17 -9.99 -42.57
N GLY D 90 -25.59 -8.80 -42.41
CA GLY D 90 -26.16 -7.61 -43.04
C GLY D 90 -25.55 -6.33 -42.48
N THR D 91 -26.20 -5.21 -42.79
CA THR D 91 -25.73 -3.90 -42.36
C THR D 91 -26.88 -3.22 -41.64
N ILE D 92 -26.59 -2.77 -40.43
CA ILE D 92 -27.51 -2.05 -39.56
C ILE D 92 -27.26 -0.55 -39.73
N LYS D 93 -28.16 0.13 -40.42
CA LYS D 93 -28.03 1.57 -40.66
C LYS D 93 -28.59 2.30 -39.44
N THR D 94 -28.34 3.61 -39.38
CA THR D 94 -28.84 4.43 -38.29
C THR D 94 -30.35 4.26 -38.19
N GLY D 95 -30.84 3.94 -37.01
CA GLY D 95 -32.27 3.74 -36.76
C GLY D 95 -32.70 2.29 -36.94
N ASP D 96 -31.86 1.45 -37.54
CA ASP D 96 -32.21 0.02 -37.75
C ASP D 96 -31.88 -0.79 -36.49
N VAL D 97 -32.42 -2.01 -36.46
CA VAL D 97 -32.16 -2.94 -35.38
C VAL D 97 -31.89 -4.33 -35.97
N GLN D 98 -30.94 -5.06 -35.40
CA GLN D 98 -30.77 -6.50 -35.70
C GLN D 98 -31.05 -7.26 -34.41
N TRP D 99 -32.09 -8.08 -34.45
CA TRP D 99 -32.46 -8.95 -33.35
C TRP D 99 -32.03 -10.36 -33.77
N THR D 101 -30.94 -14.20 -33.10
CA THR D 101 -31.04 -15.33 -32.21
C THR D 101 -29.81 -16.23 -32.44
N ALA D 102 -28.91 -16.34 -31.47
CA ALA D 102 -27.74 -17.24 -31.67
C ALA D 102 -28.20 -18.70 -31.61
N GLY D 103 -29.06 -18.99 -30.64
CA GLY D 103 -29.58 -20.34 -30.49
C GLY D 103 -28.46 -21.38 -30.39
N ALA D 104 -28.57 -22.45 -31.19
CA ALA D 104 -27.63 -23.56 -31.20
C ALA D 104 -26.22 -23.08 -31.54
N GLY D 105 -26.11 -21.92 -32.15
CA GLY D 105 -24.79 -21.36 -32.36
C GLY D 105 -24.65 -20.54 -33.62
N VAL D 106 -23.75 -19.57 -33.53
CA VAL D 106 -23.36 -18.75 -34.65
C VAL D 106 -21.90 -18.35 -34.43
N LEU D 107 -21.20 -18.11 -35.52
CA LEU D 107 -19.84 -17.62 -35.46
C LEU D 107 -19.81 -16.36 -36.33
N HIS D 108 -19.54 -15.19 -35.78
CA HIS D 108 -19.62 -13.99 -36.62
C HIS D 108 -18.65 -12.90 -36.18
N GLU D 109 -18.54 -11.93 -37.08
CA GLU D 109 -17.75 -10.73 -36.93
C GLU D 109 -18.72 -9.55 -36.94
N GLU D 110 -18.37 -8.49 -36.22
CA GLU D 110 -19.15 -7.28 -36.21
C GLU D 110 -18.18 -6.09 -36.31
N PHE D 111 -18.49 -5.15 -37.19
CA PHE D 111 -17.59 -4.05 -37.46
C PHE D 111 -18.36 -2.85 -38.00
N HIS D 112 -17.67 -1.72 -38.06
CA HIS D 112 -18.22 -0.53 -38.67
C HIS D 112 -18.51 -0.82 -40.14
N SER D 113 -19.67 -0.39 -40.63
CA SER D 113 -19.97 -0.61 -42.06
C SER D 113 -18.92 0.10 -42.92
N PRO D 114 -18.63 -0.44 -44.09
CA PRO D 114 -17.63 0.20 -44.94
C PRO D 114 -18.04 1.65 -45.26
N GLU D 115 -19.34 1.91 -45.41
CA GLU D 115 -19.78 3.27 -45.73
C GLU D 115 -19.46 4.18 -44.54
N PHE D 116 -19.80 3.76 -43.33
CA PHE D 116 -19.50 4.62 -42.20
C PHE D 116 -17.98 4.75 -42.06
N ALA D 117 -17.26 3.66 -42.20
CA ALA D 117 -15.81 3.69 -41.98
C ALA D 117 -15.15 4.72 -42.91
N GLU D 118 -15.65 4.79 -44.14
CA GLU D 118 -15.08 5.66 -45.16
C GLU D 118 -15.30 7.14 -44.82
N HIS D 119 -16.43 7.48 -44.22
N HIS D 119 -16.44 7.46 -44.22
CA HIS D 119 -16.73 8.88 -43.92
CA HIS D 119 -16.79 8.86 -43.90
C HIS D 119 -16.32 9.25 -42.49
C HIS D 119 -16.32 9.25 -42.50
N GLY D 120 -16.28 8.28 -41.58
CA GLY D 120 -15.94 8.59 -40.21
C GLY D 120 -17.06 9.37 -39.53
N GLY D 121 -16.81 9.93 -38.35
CA GLY D 121 -17.85 10.67 -37.65
C GLY D 121 -18.28 9.96 -36.36
N LEU D 122 -19.39 10.41 -35.82
CA LEU D 122 -19.86 9.90 -34.53
C LEU D 122 -20.51 8.52 -34.70
N PHE D 123 -20.10 7.64 -33.80
CA PHE D 123 -20.63 6.29 -33.69
C PHE D 123 -21.35 6.16 -32.33
N GLU D 124 -22.58 5.66 -32.33
CA GLU D 124 -23.35 5.49 -31.10
C GLU D 124 -24.24 4.26 -31.29
N VAL D 126 -26.16 0.55 -29.08
CA VAL D 126 -26.45 -0.27 -27.94
C VAL D 126 -26.45 -1.74 -28.40
N GLN D 127 -25.81 -2.62 -27.61
CA GLN D 127 -25.95 -4.05 -27.82
C GLN D 127 -26.53 -4.63 -26.52
N LEU D 128 -27.64 -5.32 -26.68
CA LEU D 128 -28.37 -5.92 -25.57
C LEU D 128 -28.39 -7.44 -25.77
N TRP D 129 -28.07 -8.19 -24.72
CA TRP D 129 -28.19 -9.64 -24.78
C TRP D 129 -29.48 -10.04 -24.06
N VAL D 130 -30.29 -10.87 -24.72
CA VAL D 130 -31.57 -11.34 -24.21
C VAL D 130 -31.52 -12.88 -24.11
N ASN D 131 -31.86 -13.38 -22.94
CA ASN D 131 -31.77 -14.79 -22.68
C ASN D 131 -32.96 -15.49 -23.32
N LEU D 132 -32.76 -16.77 -23.61
CA LEU D 132 -33.81 -17.66 -24.15
C LEU D 132 -34.24 -18.66 -23.08
N PRO D 133 -35.52 -19.05 -23.12
CA PRO D 133 -36.00 -20.13 -22.29
C PRO D 133 -35.18 -21.38 -22.63
N SER D 134 -34.98 -22.26 -21.64
CA SER D 134 -34.19 -23.48 -21.84
C SER D 134 -34.63 -24.23 -23.10
N HIS D 135 -35.94 -24.40 -23.30
CA HIS D 135 -36.44 -25.19 -24.43
C HIS D 135 -36.06 -24.59 -25.79
N SER D 136 -35.75 -23.30 -25.82
CA SER D 136 -35.49 -22.55 -27.05
C SER D 136 -33.99 -22.37 -27.33
N LYS D 137 -33.12 -22.69 -26.35
CA LYS D 137 -31.69 -22.38 -26.47
C LYS D 137 -31.02 -23.12 -27.63
N THR D 139 -32.54 -24.03 -30.55
CA THR D 139 -33.18 -23.85 -31.83
C THR D 139 -32.15 -23.24 -32.78
N PRO D 140 -32.35 -23.41 -34.09
CA PRO D 140 -31.41 -22.88 -35.08
C PRO D 140 -31.28 -21.35 -34.99
N GLY D 141 -30.05 -20.86 -35.06
CA GLY D 141 -29.80 -19.43 -35.04
C GLY D 141 -30.51 -18.77 -36.19
N LYS D 142 -30.90 -17.51 -36.05
CA LYS D 142 -31.63 -16.82 -37.12
C LYS D 142 -31.49 -15.31 -36.94
N TYR D 143 -31.82 -14.58 -38.01
CA TYR D 143 -31.70 -13.13 -38.05
C TYR D 143 -33.07 -12.46 -38.17
N GLN D 144 -33.16 -11.27 -37.59
CA GLN D 144 -34.28 -10.35 -37.81
C GLN D 144 -33.70 -8.98 -38.11
N ALA D 145 -33.58 -8.66 -39.39
CA ALA D 145 -33.09 -7.34 -39.81
C ALA D 145 -34.30 -6.40 -39.86
N ILE D 146 -34.33 -5.41 -38.97
CA ILE D 146 -35.47 -4.51 -38.89
C ILE D 146 -35.07 -3.11 -39.33
N GLU D 147 -35.72 -2.62 -40.37
CA GLU D 147 -35.42 -1.29 -40.89
C GLU D 147 -36.11 -0.24 -40.02
N ALA D 148 -35.46 0.92 -39.89
CA ALA D 148 -35.96 2.03 -39.09
C ALA D 148 -37.43 2.36 -39.40
N LYS D 149 -37.80 2.37 -40.68
CA LYS D 149 -39.15 2.75 -41.09
C LYS D 149 -40.22 1.76 -40.59
N ASP D 150 -39.81 0.56 -40.19
CA ASP D 150 -40.77 -0.48 -39.78
C ASP D 150 -40.92 -0.54 -38.25
N ILE D 151 -40.27 0.36 -37.53
CA ILE D 151 -40.41 0.36 -36.09
C ILE D 151 -41.46 1.39 -35.69
N PRO D 152 -42.54 0.95 -35.01
CA PRO D 152 -43.58 1.91 -34.65
C PRO D 152 -43.02 2.95 -33.65
N ASP D 153 -43.32 4.22 -33.94
CA ASP D 153 -42.88 5.38 -33.17
C ASP D 153 -44.13 6.04 -32.59
N ILE D 154 -44.12 6.31 -31.29
CA ILE D 154 -45.26 6.90 -30.60
C ILE D 154 -44.86 8.28 -30.05
N ALA D 155 -45.59 9.31 -30.45
CA ALA D 155 -45.33 10.63 -29.90
C ALA D 155 -45.98 10.68 -28.51
N LEU D 156 -45.18 10.93 -27.47
CA LEU D 156 -45.68 10.97 -26.09
C LEU D 156 -46.23 12.36 -25.74
N ASP D 157 -45.76 13.39 -26.43
CA ASP D 157 -46.23 14.76 -26.19
C ASP D 157 -46.04 15.57 -27.47
N GLU D 158 -46.47 16.82 -27.45
CA GLU D 158 -46.37 17.68 -28.62
C GLU D 158 -45.04 18.45 -28.59
N HIS D 159 -44.18 18.15 -27.61
CA HIS D 159 -42.91 18.87 -27.49
C HIS D 159 -41.74 18.06 -28.05
N GLY D 160 -41.93 16.81 -28.46
CA GLY D 160 -40.82 16.05 -29.07
C GLY D 160 -40.48 14.75 -28.35
N SER D 161 -41.16 14.42 -27.25
CA SER D 161 -40.89 13.17 -26.57
C SER D 161 -41.47 12.03 -27.41
N HIS D 162 -40.77 10.90 -27.50
CA HIS D 162 -41.29 9.81 -28.32
C HIS D 162 -40.69 8.49 -27.84
N LEU D 163 -41.37 7.42 -28.24
CA LEU D 163 -41.04 6.08 -27.87
C LEU D 163 -41.17 5.17 -29.11
N ARG D 164 -40.15 4.35 -29.33
CA ARG D 164 -40.16 3.35 -30.39
C ARG D 164 -40.40 1.98 -29.75
N VAL D 165 -41.29 1.19 -30.33
CA VAL D 165 -41.57 -0.17 -29.82
C VAL D 165 -40.73 -1.16 -30.63
N ILE D 166 -39.54 -1.47 -30.15
CA ILE D 166 -38.67 -2.42 -30.84
C ILE D 166 -39.25 -3.82 -30.67
N ALA D 167 -39.64 -4.14 -29.45
CA ALA D 167 -40.25 -5.41 -29.14
C ALA D 167 -41.34 -5.20 -28.08
N GLY D 168 -42.35 -6.07 -28.13
CA GLY D 168 -43.45 -6.06 -27.21
C GLY D 168 -44.64 -5.29 -27.73
N GLU D 169 -45.20 -4.48 -26.84
N GLU D 169 -45.25 -4.51 -26.83
CA GLU D 169 -46.41 -3.74 -27.15
CA GLU D 169 -46.44 -3.75 -27.18
C GLU D 169 -46.50 -2.49 -26.29
C GLU D 169 -46.55 -2.51 -26.29
N TYR D 170 -46.83 -1.37 -26.92
CA TYR D 170 -47.07 -0.12 -26.22
C TYR D 170 -48.29 0.56 -26.86
N ALA D 171 -49.32 0.78 -26.05
CA ALA D 171 -50.55 1.45 -26.48
C ALA D 171 -51.04 0.97 -27.85
N ASP D 172 -51.26 -0.33 -27.99
CA ASP D 172 -51.81 -0.90 -29.26
C ASP D 172 -50.78 -0.91 -30.40
N ALA D 173 -49.61 -0.29 -30.24
CA ALA D 173 -48.56 -0.41 -31.25
C ALA D 173 -47.77 -1.68 -30.94
N LYS D 174 -47.55 -2.52 -31.96
CA LYS D 174 -46.89 -3.81 -31.75
C LYS D 174 -45.42 -3.74 -32.15
N GLY D 175 -44.60 -4.41 -31.35
CA GLY D 175 -43.17 -4.46 -31.57
C GLY D 175 -42.79 -5.07 -32.91
N ALA D 176 -41.71 -4.54 -33.48
CA ALA D 176 -41.21 -4.96 -34.77
C ALA D 176 -40.45 -6.29 -34.68
N ALA D 177 -39.89 -6.62 -33.53
CA ALA D 177 -39.12 -7.85 -33.34
C ALA D 177 -39.97 -8.92 -32.65
N THR D 178 -39.91 -10.15 -33.15
CA THR D 178 -40.59 -11.25 -32.45
C THR D 178 -39.65 -11.76 -31.35
N THR D 179 -40.22 -12.43 -30.34
CA THR D 179 -39.45 -12.90 -29.20
C THR D 179 -39.90 -14.31 -28.80
N PHE D 180 -39.10 -14.93 -27.93
CA PHE D 180 -39.38 -16.29 -27.45
C PHE D 180 -40.15 -16.26 -26.12
N SER D 181 -40.13 -15.12 -25.42
CA SER D 181 -40.85 -14.98 -24.17
C SER D 181 -41.45 -13.57 -24.15
N PRO D 182 -42.46 -13.33 -23.30
CA PRO D 182 -43.10 -12.01 -23.27
C PRO D 182 -42.14 -10.95 -22.74
N LEU D 183 -41.84 -9.95 -23.55
CA LEU D 183 -40.92 -8.91 -23.13
C LEU D 183 -41.10 -7.67 -24.00
N ASN D 184 -40.62 -6.56 -23.43
CA ASN D 184 -40.68 -5.25 -24.05
C ASN D 184 -39.27 -4.67 -24.16
N VAL D 185 -39.00 -4.07 -25.33
CA VAL D 185 -37.81 -3.26 -25.55
C VAL D 185 -38.29 -1.99 -26.23
N TRP D 186 -38.25 -0.90 -25.45
CA TRP D 186 -38.68 0.40 -25.95
C TRP D 186 -37.51 1.38 -25.84
N ASP D 187 -37.36 2.27 -26.82
CA ASP D 187 -36.35 3.31 -26.67
C ASP D 187 -37.00 4.62 -27.08
N GLY D 188 -36.38 5.71 -26.68
CA GLY D 188 -36.94 6.96 -27.07
C GLY D 188 -36.17 8.11 -26.49
N LYS D 189 -36.83 9.26 -26.57
CA LYS D 189 -36.29 10.48 -26.04
C LYS D 189 -37.38 11.22 -25.28
N LEU D 190 -37.01 11.78 -24.14
CA LEU D 190 -37.92 12.62 -23.36
C LEU D 190 -37.38 14.05 -23.36
N VAL D 191 -38.27 15.00 -23.60
CA VAL D 191 -37.93 16.41 -23.64
C VAL D 191 -38.01 16.98 -22.22
N LYS D 192 -37.04 17.85 -21.93
CA LYS D 192 -36.94 18.52 -20.65
C LYS D 192 -38.31 19.07 -20.25
N GLY D 193 -38.65 18.90 -18.97
CA GLY D 193 -39.89 19.45 -18.41
C GLY D 193 -41.10 18.54 -18.58
N GLN D 194 -41.03 17.54 -19.44
CA GLN D 194 -42.20 16.66 -19.70
C GLN D 194 -42.19 15.45 -18.74
N LYS D 195 -43.38 15.15 -18.21
CA LYS D 195 -43.62 14.03 -17.30
C LYS D 195 -44.57 13.02 -17.95
N HIS D 196 -44.21 11.74 -17.89
CA HIS D 196 -45.01 10.69 -18.50
C HIS D 196 -45.12 9.48 -17.57
N THR D 197 -46.31 8.90 -17.55
CA THR D 197 -46.56 7.67 -16.85
C THR D 197 -46.50 6.51 -17.85
N LEU D 198 -45.67 5.52 -17.58
CA LEU D 198 -45.58 4.34 -18.44
C LEU D 198 -46.25 3.16 -17.74
N TYR D 199 -46.97 2.35 -18.50
CA TYR D 199 -47.65 1.16 -18.03
C TYR D 199 -46.88 -0.07 -18.51
N VAL D 200 -46.58 -0.96 -17.57
N VAL D 200 -46.58 -0.97 -17.60
CA VAL D 200 -45.79 -2.16 -17.81
CA VAL D 200 -45.79 -2.15 -17.91
C VAL D 200 -46.59 -3.37 -17.28
C VAL D 200 -46.46 -3.36 -17.24
N PRO D 201 -46.39 -4.55 -17.86
CA PRO D 201 -47.12 -5.71 -17.35
C PRO D 201 -46.74 -6.12 -15.93
N GLU D 202 -47.76 -6.50 -15.17
CA GLU D 202 -47.61 -6.97 -13.81
C GLU D 202 -46.66 -8.18 -13.78
N GLY D 203 -45.69 -8.16 -12.88
CA GLY D 203 -44.79 -9.31 -12.70
C GLY D 203 -43.51 -9.24 -13.54
N HIS D 204 -43.43 -8.32 -14.48
CA HIS D 204 -42.24 -8.23 -15.32
C HIS D 204 -41.07 -7.54 -14.61
N THR D 205 -39.88 -8.09 -14.85
CA THR D 205 -38.66 -7.39 -14.59
C THR D 205 -38.79 -6.06 -15.31
N THR D 206 -38.41 -4.94 -14.69
CA THR D 206 -38.54 -3.64 -15.29
C THR D 206 -37.26 -2.86 -15.08
N LEU D 207 -36.61 -2.53 -16.18
CA LEU D 207 -35.34 -1.83 -16.17
C LEU D 207 -35.50 -0.52 -16.94
N VAL D 208 -35.11 0.56 -16.29
CA VAL D 208 -35.13 1.85 -16.93
C VAL D 208 -33.68 2.25 -17.17
N VAL D 209 -33.32 2.39 -18.45
CA VAL D 209 -31.98 2.71 -18.83
C VAL D 209 -31.92 4.16 -19.28
N VAL D 210 -31.07 4.94 -18.64
CA VAL D 210 -30.85 6.31 -19.05
C VAL D 210 -29.47 6.34 -19.73
N LEU D 211 -29.49 6.50 -21.04
CA LEU D 211 -28.28 6.56 -21.80
C LEU D 211 -27.59 7.89 -21.57
N GLU D 212 -28.39 8.96 -21.64
CA GLU D 212 -27.90 10.32 -21.53
C GLU D 212 -29.02 11.23 -21.02
N GLY D 213 -28.68 12.18 -20.16
CA GLY D 213 -29.64 13.15 -19.67
C GLY D 213 -29.92 12.97 -18.18
N ALA D 214 -31.17 13.22 -17.78
CA ALA D 214 -31.52 13.13 -16.37
C ALA D 214 -33.04 13.09 -16.21
N VAL D 215 -33.51 12.06 -15.51
CA VAL D 215 -34.92 11.86 -15.27
C VAL D 215 -35.15 11.51 -13.79
N VAL D 216 -36.30 11.97 -13.28
CA VAL D 216 -36.76 11.65 -11.94
C VAL D 216 -37.79 10.52 -12.08
N VAL D 217 -37.62 9.46 -11.30
CA VAL D 217 -38.52 8.32 -11.37
C VAL D 217 -39.50 8.40 -10.18
N ASN D 218 -40.79 8.30 -10.47
CA ASN D 218 -41.85 8.32 -9.46
C ASN D 218 -41.68 9.52 -8.52
N ASP D 219 -41.33 10.67 -9.08
CA ASP D 219 -41.17 11.94 -8.34
C ASP D 219 -40.11 11.88 -7.23
N THR D 220 -39.32 10.82 -7.05
CA THR D 220 -38.45 10.80 -5.85
C THR D 220 -36.99 10.39 -6.14
N ASN D 221 -36.70 9.72 -7.23
CA ASN D 221 -35.32 9.27 -7.46
C ASN D 221 -34.82 9.84 -8.78
N ARG D 222 -33.68 10.54 -8.74
N ARG D 222 -33.68 10.52 -8.74
CA ARG D 222 -33.10 11.14 -9.95
CA ARG D 222 -33.09 11.15 -9.93
C ARG D 222 -32.06 10.18 -10.55
C ARG D 222 -32.05 10.20 -10.55
N LEU D 223 -32.11 10.01 -11.87
CA LEU D 223 -31.18 9.14 -12.61
C LEU D 223 -30.47 9.99 -13.66
N GLU D 224 -29.14 9.89 -13.76
CA GLU D 224 -28.39 10.62 -14.78
C GLU D 224 -27.91 9.62 -15.83
N GLY D 225 -27.13 10.10 -16.80
CA GLY D 225 -26.66 9.26 -17.92
C GLY D 225 -25.87 8.04 -17.48
N LYS D 226 -25.87 7.04 -18.36
CA LYS D 226 -25.19 5.76 -18.24
C LYS D 226 -25.61 5.07 -16.94
N THR D 227 -26.92 5.05 -16.68
CA THR D 227 -27.48 4.45 -15.49
C THR D 227 -28.59 3.45 -15.86
N VAL D 228 -28.70 2.39 -15.08
CA VAL D 228 -29.83 1.48 -15.18
C VAL D 228 -30.51 1.42 -13.80
N ALA D 229 -31.81 1.69 -13.78
CA ALA D 229 -32.62 1.59 -12.59
C ALA D 229 -33.45 0.29 -12.65
N ILE D 230 -33.52 -0.41 -11.54
CA ILE D 230 -34.34 -1.60 -11.40
C ILE D 230 -35.60 -1.23 -10.62
N LEU D 231 -36.76 -1.51 -11.19
CA LEU D 231 -38.05 -1.29 -10.51
C LEU D 231 -38.62 -2.66 -10.09
N SER D 232 -39.52 -2.66 -9.12
CA SER D 232 -40.12 -3.90 -8.61
C SER D 232 -40.93 -4.60 -9.72
N ARG D 233 -40.96 -5.92 -9.65
CA ARG D 233 -41.76 -6.74 -10.54
C ARG D 233 -43.25 -6.53 -10.21
N GLU D 234 -43.59 -6.32 -8.94
CA GLU D 234 -44.97 -6.05 -8.51
C GLU D 234 -45.32 -4.60 -8.90
N GLY D 235 -46.52 -4.40 -9.44
CA GLY D 235 -46.96 -3.07 -9.89
C GLY D 235 -47.02 -2.99 -11.41
N VAL D 236 -47.67 -1.96 -11.96
CA VAL D 236 -47.87 -1.88 -13.39
C VAL D 236 -47.53 -0.49 -13.94
N GLU D 237 -47.11 0.46 -13.11
CA GLU D 237 -46.87 1.78 -13.70
C GLU D 237 -45.76 2.51 -12.95
N PHE D 238 -45.16 3.46 -13.64
CA PHE D 238 -44.13 4.32 -13.05
C PHE D 238 -44.09 5.60 -13.87
N SER D 239 -43.55 6.67 -13.31
CA SER D 239 -43.49 7.94 -14.03
C SER D 239 -42.03 8.34 -14.27
N LEU D 240 -41.81 9.02 -15.37
CA LEU D 240 -40.51 9.58 -15.72
C LEU D 240 -40.70 11.08 -16.00
N ASN D 241 -39.93 11.91 -15.30
CA ASN D 241 -40.00 13.37 -15.44
C ASN D 241 -38.60 13.85 -15.83
N ALA D 242 -38.46 14.31 -17.07
CA ALA D 242 -37.17 14.70 -17.62
C ALA D 242 -36.69 16.06 -17.08
N GLU D 243 -35.55 16.05 -16.40
CA GLU D 243 -34.91 17.30 -15.93
C GLU D 243 -34.11 17.91 -17.09
N GLU D 244 -33.69 17.06 -18.04
CA GLU D 244 -32.93 17.44 -19.25
C GLU D 244 -33.40 16.58 -20.41
N ASP D 245 -33.08 16.95 -21.65
CA ASP D 245 -33.38 16.07 -22.78
C ASP D 245 -32.71 14.73 -22.48
N THR D 246 -33.47 13.63 -22.57
CA THR D 246 -33.01 12.36 -22.10
C THR D 246 -33.25 11.25 -23.14
N LYS D 247 -32.21 10.46 -23.41
CA LYS D 247 -32.27 9.28 -24.25
C LYS D 247 -32.43 8.08 -23.32
N PHE D 248 -33.43 7.24 -23.57
CA PHE D 248 -33.69 6.13 -22.64
C PHE D 248 -34.06 4.85 -23.37
N LEU D 249 -34.06 3.77 -22.58
CA LEU D 249 -34.62 2.49 -22.96
C LEU D 249 -35.42 1.96 -21.78
N VAL D 250 -36.53 1.30 -22.10
CA VAL D 250 -37.29 0.58 -21.11
C VAL D 250 -37.26 -0.89 -21.55
N LEU D 251 -36.77 -1.73 -20.65
CA LEU D 251 -36.67 -3.16 -20.89
C LEU D 251 -37.53 -3.86 -19.85
N THR D 252 -38.52 -4.63 -20.30
CA THR D 252 -39.34 -5.36 -19.35
C THR D 252 -39.49 -6.80 -19.84
N GLY D 253 -39.73 -7.72 -18.94
CA GLY D 253 -39.98 -9.09 -19.37
C GLY D 253 -40.35 -10.03 -18.24
N GLN D 254 -41.16 -11.03 -18.58
CA GLN D 254 -41.48 -12.08 -17.62
C GLN D 254 -40.18 -12.81 -17.27
N PRO D 255 -39.82 -12.90 -15.99
CA PRO D 255 -38.59 -13.58 -15.59
C PRO D 255 -38.62 -15.04 -16.04
N LEU D 256 -37.49 -15.61 -16.44
CA LEU D 256 -37.50 -16.99 -16.94
C LEU D 256 -37.47 -18.00 -15.79
N ASN D 257 -36.99 -17.59 -14.62
CA ASN D 257 -36.95 -18.46 -13.45
C ASN D 257 -36.23 -19.77 -13.79
N GLU D 258 -35.13 -19.66 -14.51
CA GLU D 258 -34.33 -20.82 -14.88
C GLU D 258 -32.87 -20.49 -14.55
N PRO D 259 -32.04 -21.51 -14.25
CA PRO D 259 -30.63 -21.27 -13.91
C PRO D 259 -29.86 -20.58 -15.05
N ILE D 260 -28.84 -19.84 -14.66
CA ILE D 260 -27.99 -19.16 -15.62
C ILE D 260 -26.55 -19.63 -15.41
N GLU D 261 -25.97 -20.22 -16.44
CA GLU D 261 -24.55 -20.56 -16.40
C GLU D 261 -23.91 -20.02 -17.68
N GLY D 262 -23.05 -19.02 -17.52
CA GLY D 262 -22.42 -18.41 -18.66
C GLY D 262 -20.91 -18.50 -18.62
N TYR D 263 -20.32 -18.24 -19.77
CA TYR D 263 -18.88 -18.18 -19.93
C TYR D 263 -18.59 -17.46 -21.25
N GLY D 264 -18.00 -16.28 -21.16
CA GLY D 264 -17.69 -15.51 -22.35
C GLY D 264 -18.92 -15.32 -23.22
N PRO D 265 -18.84 -15.73 -24.50
CA PRO D 265 -19.98 -15.53 -25.39
C PRO D 265 -21.03 -16.66 -25.37
N PHE D 266 -20.99 -17.53 -24.37
CA PHE D 266 -21.96 -18.61 -24.24
C PHE D 266 -22.78 -18.44 -22.96
N VAL D 267 -24.11 -18.60 -23.05
CA VAL D 267 -24.98 -18.53 -21.87
C VAL D 267 -25.98 -19.69 -21.96
N ASN D 269 -27.88 -23.12 -19.40
CA ASN D 269 -28.55 -23.34 -18.12
C ASN D 269 -27.67 -24.14 -17.15
N THR D 270 -26.68 -24.89 -17.64
CA THR D 270 -25.88 -25.74 -16.74
C THR D 270 -24.39 -25.66 -17.10
N LYS D 271 -23.55 -26.01 -16.13
CA LYS D 271 -22.12 -25.97 -16.34
C LYS D 271 -21.74 -27.00 -17.41
N ALA D 272 -22.45 -28.13 -17.44
CA ALA D 272 -22.19 -29.20 -18.42
C ALA D 272 -22.47 -28.68 -19.84
N GLU D 273 -23.53 -27.90 -20.01
CA GLU D 273 -23.87 -27.33 -21.31
C GLU D 273 -22.77 -26.36 -21.77
N ILE D 274 -22.14 -25.65 -20.82
CA ILE D 274 -21.05 -24.71 -21.14
C ILE D 274 -19.85 -25.51 -21.67
N GLU D 276 -19.91 -28.39 -23.07
CA GLU D 276 -20.30 -28.91 -24.39
C GLU D 276 -20.09 -27.84 -25.47
N ALA D 277 -20.45 -26.59 -25.15
CA ALA D 277 -20.30 -25.47 -26.09
C ALA D 277 -18.81 -25.17 -26.34
N ILE D 278 -18.00 -25.28 -25.30
CA ILE D 278 -16.56 -25.05 -25.43
C ILE D 278 -15.96 -26.16 -26.30
N ASN D 279 -16.39 -27.40 -26.07
CA ASN D 279 -15.87 -28.54 -26.83
C ASN D 279 -16.39 -28.49 -28.27
N ASP D 280 -17.64 -28.07 -28.46
CA ASP D 280 -18.17 -27.92 -29.82
C ASP D 280 -17.32 -26.88 -30.57
N PHE D 281 -16.90 -25.82 -29.90
CA PHE D 281 -16.12 -24.76 -30.55
C PHE D 281 -14.71 -25.27 -30.89
N ASN D 282 -14.05 -25.92 -29.94
CA ASN D 282 -12.69 -26.44 -30.14
C ASN D 282 -12.67 -27.48 -31.27
N ARG D 283 -13.81 -28.13 -31.53
CA ARG D 283 -13.90 -29.16 -32.58
C ARG D 283 -14.26 -28.53 -33.93
N GLY D 284 -14.49 -27.22 -33.98
CA GLY D 284 -14.86 -26.55 -35.24
C GLY D 284 -16.32 -26.77 -35.61
N LYS D 285 -17.15 -27.08 -34.60
CA LYS D 285 -18.60 -27.32 -34.81
C LYS D 285 -19.29 -26.02 -35.23
N PHE D 286 -18.66 -24.87 -34.93
CA PHE D 286 -19.24 -23.56 -35.29
C PHE D 286 -18.77 -23.13 -36.69
N GLY D 287 -17.64 -23.69 -37.18
CA GLY D 287 -17.12 -23.36 -38.53
C GLY D 287 -16.03 -22.30 -38.49
N SER D 288 -15.94 -21.51 -39.57
CA SER D 288 -14.95 -20.43 -39.67
C SER D 288 -15.40 -19.39 -40.71
N ILE D 289 -15.12 -18.12 -40.43
CA ILE D 289 -15.53 -17.03 -41.33
C ILE D 289 -15.05 -17.30 -42.76
#